data_6BV3
#
_entry.id   6BV3
#
_cell.length_a   259.550
_cell.length_b   62.985
_cell.length_c   81.647
_cell.angle_alpha   90.00
_cell.angle_beta   100.38
_cell.angle_gamma   90.00
#
_symmetry.space_group_name_H-M   'C 1 2 1'
#
loop_
_entity.id
_entity.type
_entity.pdbx_description
1 polymer 'Aminopeptidase N'
2 branched 2-acetamido-2-deoxy-beta-D-glucopyranose-(1-4)-2-acetamido-2-deoxy-beta-D-glucopyranose-(1-4)-2-acetamido-2-deoxy-beta-D-glucopyranose
3 branched 2-acetamido-2-deoxy-beta-D-glucopyranose-(1-4)-2-acetamido-2-deoxy-beta-D-glucopyranose
4 non-polymer 2-acetamido-2-deoxy-beta-D-glucopyranose
5 non-polymer LEUCINE
6 non-polymer 'SULFATE ION'
7 non-polymer 'ZINC ION'
8 water water
#
_entity_poly.entity_id   1
_entity_poly.type   'polypeptide(L)'
_entity_poly.pdbx_seq_one_letter_code
;QSKPWNRYRLPTTLLPDSYNVTLRPYLTPNADGLYIFKGKSIVRFLCQEPTDVIIIHSKKLNYTTQGHMVVLRGVGDSQV
PEIDRTELVELTEYLVVHLKGSLQPGHMYEMESEFQGELADDLAGFYRSEYMEGNVKKVLATTQMQSTDARKSFPCFDEP
AMKATFNITLIHPNNLTALSNMPPKGSSTPLAEDPNWSVTEFETTPVMSTYLLAYIVSEFQSVNETAQNGVLIRIWARPN
AIAEGHGMYALNVTGPILNFFANHYNTSYPLPKSDQIALPDFNAGAMENWGLVTYRENALLFDPQSSSISNKERVVTVIA
HELAHQWFGNLVTLAWWNDLWLNEGFASYVEYLGADHAEPTWNLKDLIVPGDVYRVMAVDALASSHPLTTPAEEVNTPAQ
ISEMFDSISYSKGASVIRMLSNFLTEDLFKEGLASYLHAFAYQNTTYLDLWEHLQKAVDAQTSIRLPDTVRAIMDRWTLQ
MGFPVITVDTKTGNISQKHFLLDSESNVTRSSAFDYLWIVPISSIKNGVMQDHYWLRDVSQAQNDLFKTASDDWVLLNVN
VTGYFQVNYDEDNWRMIQHQLQTNLSVIPVINRAQVIYDSFNLATAHMVPVTLALDNTLFLNGEKEYMPWQAALSSLSYF
SLMFDRSEVYGPMKKYLRKQVEPLFQHFETLTKNWTERPENLMDQYSEINAISTACSNGLPQCENLAKTLFDQWMSDPEN
NPIHPNLRSTIYCNAIAQGGQDQWDFAWGQLQQAQLVNEADKLRSALACSNEVWLLNRYLGYTLNPDLIRKQDATSTINS
IASNVIGQPLAWDFVQSNWKKLFQDYGGGSFSFSNLIQGVTRRFSSEFELQQLEQFKKNNMDVGFGSGTRALEQALEKTK
ANIKWVKENKEVVLNWFIEHSS
;
_entity_poly.pdbx_strand_id   A
#
loop_
_chem_comp.id
_chem_comp.type
_chem_comp.name
_chem_comp.formula
NAG D-saccharide, beta linking 2-acetamido-2-deoxy-beta-D-glucopyranose 'C8 H15 N O6'
SO4 non-polymer 'SULFATE ION' 'O4 S -2'
ZN non-polymer 'ZINC ION' 'Zn 2'
#
# COMPACT_ATOMS: atom_id res chain seq x y z
N GLN A 1 11.47 13.53 39.24
CA GLN A 1 10.52 13.64 38.09
C GLN A 1 11.19 14.38 36.94
N SER A 2 10.78 14.09 35.70
CA SER A 2 11.24 14.89 34.55
C SER A 2 10.16 15.91 34.16
N LYS A 3 10.57 16.97 33.47
CA LYS A 3 9.68 18.06 33.12
C LYS A 3 8.76 17.59 32.01
N PRO A 4 7.45 17.88 32.12
CA PRO A 4 6.50 17.34 31.16
C PRO A 4 6.80 17.70 29.67
N TRP A 5 7.51 18.83 29.43
CA TRP A 5 7.82 19.25 28.07
C TRP A 5 8.98 18.49 27.43
N ASN A 6 9.66 17.70 28.23
CA ASN A 6 10.67 16.76 27.73
C ASN A 6 10.12 15.32 27.48
N ARG A 7 8.81 15.14 27.66
CA ARG A 7 8.12 13.86 27.38
C ARG A 7 7.36 13.92 26.06
N TYR A 8 7.41 12.87 25.29
CA TYR A 8 6.76 12.82 23.98
C TYR A 8 5.24 12.82 23.96
N ARG A 9 4.61 12.32 25.01
CA ARG A 9 3.17 12.27 25.08
C ARG A 9 2.68 13.50 25.85
N LEU A 10 1.58 14.10 25.38
CA LEU A 10 0.98 15.27 26.00
C LEU A 10 0.45 14.99 27.39
N PRO A 11 0.45 15.99 28.29
CA PRO A 11 -0.34 15.89 29.49
C PRO A 11 -1.81 15.66 29.22
N THR A 12 -2.55 15.24 30.24
CA THR A 12 -4.01 15.13 30.07
C THR A 12 -4.73 16.11 30.95
N THR A 13 -3.97 17.05 31.50
CA THR A 13 -4.52 18.15 32.31
C THR A 13 -5.43 19.08 31.49
N LEU A 14 -5.15 19.21 30.19
CA LEU A 14 -5.88 20.14 29.33
C LEU A 14 -6.40 19.40 28.07
N LEU A 15 -7.69 19.57 27.78
CA LEU A 15 -8.29 18.98 26.61
C LEU A 15 -8.91 20.06 25.72
N PRO A 16 -8.69 19.98 24.42
CA PRO A 16 -9.24 20.97 23.51
C PRO A 16 -10.74 20.81 23.27
N ASP A 17 -11.43 21.92 23.09
CA ASP A 17 -12.84 21.95 22.72
C ASP A 17 -13.03 22.26 21.24
N SER A 18 -12.34 23.28 20.78
CA SER A 18 -12.56 23.88 19.47
C SER A 18 -11.45 24.85 19.06
N TYR A 19 -11.19 24.95 17.77
CA TYR A 19 -10.15 25.75 17.19
C TYR A 19 -10.78 26.64 16.11
N ASN A 20 -10.31 27.86 16.07
CA ASN A 20 -10.35 28.67 14.87
C ASN A 20 -8.99 28.68 14.27
N VAL A 21 -8.92 28.44 12.97
CA VAL A 21 -7.66 28.52 12.29
C VAL A 21 -7.81 29.24 10.97
N THR A 22 -6.98 30.24 10.78
CA THR A 22 -6.90 30.97 9.51
C THR A 22 -5.51 30.83 8.91
N LEU A 23 -5.45 30.31 7.70
CA LEU A 23 -4.23 30.11 6.97
C LEU A 23 -4.21 30.95 5.68
N ARG A 24 -3.04 31.51 5.39
CA ARG A 24 -2.80 32.25 4.20
C ARG A 24 -1.50 31.80 3.51
N PRO A 25 -1.62 30.97 2.47
CA PRO A 25 -0.46 30.60 1.69
C PRO A 25 -0.03 31.74 0.74
N TYR A 26 1.27 31.97 0.64
CA TYR A 26 1.84 32.83 -0.37
C TYR A 26 2.48 32.01 -1.47
N LEU A 27 1.77 31.88 -2.58
CA LEU A 27 2.19 31.03 -3.69
C LEU A 27 3.18 31.67 -4.64
N THR A 28 3.51 32.92 -4.41
CA THR A 28 4.68 33.56 -5.06
C THR A 28 5.86 33.60 -4.05
N PRO A 29 7.05 33.21 -4.50
CA PRO A 29 8.23 33.23 -3.66
C PRO A 29 8.63 34.67 -3.29
N ASN A 30 9.07 34.87 -2.05
CA ASN A 30 9.61 36.13 -1.62
C ASN A 30 11.01 36.44 -2.17
N ALA A 31 11.38 35.79 -3.27
CA ALA A 31 12.35 36.38 -4.21
C ALA A 31 13.84 36.23 -3.79
N ASP A 32 14.09 35.91 -2.53
CA ASP A 32 15.17 34.99 -2.16
C ASP A 32 14.70 33.55 -2.36
N GLY A 33 13.45 33.40 -2.72
CA GLY A 33 12.95 32.15 -3.32
C GLY A 33 12.25 31.31 -2.24
N LEU A 34 12.03 31.91 -1.08
CA LEU A 34 11.28 31.26 -0.02
C LEU A 34 9.76 31.41 -0.21
N TYR A 35 9.04 30.29 -0.21
CA TYR A 35 7.58 30.34 -0.13
C TYR A 35 7.15 30.22 1.33
N ILE A 36 6.25 31.10 1.78
CA ILE A 36 5.76 31.05 3.16
C ILE A 36 4.24 30.89 3.25
N PHE A 37 3.74 30.51 4.43
CA PHE A 37 2.35 30.72 4.76
C PHE A 37 2.23 31.44 6.09
N LYS A 38 1.11 32.12 6.29
CA LYS A 38 0.86 32.83 7.52
C LYS A 38 -0.35 32.27 8.18
N GLY A 39 -0.40 32.30 9.51
CA GLY A 39 -1.54 31.80 10.20
C GLY A 39 -1.88 32.51 11.47
N LYS A 40 -3.14 32.40 11.85
CA LYS A 40 -3.61 32.84 13.13
C LYS A 40 -4.51 31.74 13.65
N SER A 41 -4.43 31.47 14.94
CA SER A 41 -5.25 30.41 15.55
C SER A 41 -5.73 30.78 16.90
N ILE A 42 -6.95 30.39 17.22
CA ILE A 42 -7.38 30.35 18.58
C ILE A 42 -7.83 28.94 18.95
N VAL A 43 -7.31 28.43 20.06
CA VAL A 43 -7.78 27.17 20.60
C VAL A 43 -8.49 27.40 21.93
N ARG A 44 -9.70 26.90 22.02
CA ARG A 44 -10.42 26.87 23.26
C ARG A 44 -10.19 25.47 23.87
N PHE A 45 -9.83 25.44 25.13
CA PHE A 45 -9.60 24.17 25.82
C PHE A 45 -10.09 24.26 27.25
N LEU A 46 -10.27 23.11 27.83
CA LEU A 46 -10.83 22.92 29.15
C LEU A 46 -9.75 22.36 30.06
N CYS A 47 -9.61 22.93 31.25
CA CYS A 47 -8.71 22.40 32.25
C CYS A 47 -9.36 21.24 33.05
N GLN A 48 -8.71 20.10 33.03
CA GLN A 48 -9.16 18.90 33.81
C GLN A 48 -8.51 18.81 35.17
N GLU A 49 -7.22 19.07 35.22
CA GLU A 49 -6.46 19.04 36.49
C GLU A 49 -5.68 20.36 36.60
N PRO A 50 -5.59 20.93 37.82
CA PRO A 50 -4.80 22.16 37.89
C PRO A 50 -3.42 22.01 37.30
N THR A 51 -2.97 23.00 36.55
CA THR A 51 -1.61 23.04 36.04
C THR A 51 -1.19 24.50 35.74
N ASP A 52 0.12 24.78 35.87
CA ASP A 52 0.68 26.08 35.63
C ASP A 52 1.53 26.09 34.36
N VAL A 53 1.24 25.13 33.47
CA VAL A 53 1.91 25.06 32.19
C VAL A 53 0.94 24.59 31.11
N ILE A 54 1.08 25.14 29.91
CA ILE A 54 0.27 24.72 28.78
C ILE A 54 1.32 24.18 27.81
N ILE A 55 1.14 22.93 27.44
CA ILE A 55 2.00 22.27 26.49
C ILE A 55 1.13 21.88 25.29
N ILE A 56 1.53 22.31 24.12
CA ILE A 56 0.80 22.18 22.89
C ILE A 56 1.85 21.88 21.82
N HIS A 57 1.51 21.15 20.77
CA HIS A 57 2.48 20.86 19.73
C HIS A 57 2.70 22.04 18.80
N SER A 58 3.95 22.21 18.38
CA SER A 58 4.34 23.15 17.35
C SER A 58 5.61 22.66 16.66
N LYS A 59 5.64 22.74 15.35
CA LYS A 59 6.75 22.24 14.55
C LYS A 59 7.07 23.24 13.43
N LYS A 60 8.26 23.81 13.44
CA LYS A 60 8.72 24.66 12.35
C LYS A 60 7.84 25.88 12.07
N LEU A 61 7.31 26.44 13.15
CA LEU A 61 6.55 27.67 13.13
C LEU A 61 7.29 28.79 13.86
N ASN A 62 7.41 29.94 13.22
CA ASN A 62 7.87 31.16 13.88
C ASN A 62 6.64 31.93 14.37
N TYR A 63 6.72 32.50 15.56
CA TYR A 63 5.61 33.19 16.17
C TYR A 63 5.76 34.72 16.07
N THR A 64 4.67 35.39 15.71
CA THR A 64 4.66 36.85 15.53
C THR A 64 3.55 37.45 16.37
N THR A 65 2.85 36.65 17.16
CA THR A 65 1.98 37.11 18.20
C THR A 65 2.52 38.34 18.92
N GLN A 66 1.62 39.26 19.27
CA GLN A 66 2.03 40.45 20.01
C GLN A 66 2.29 40.04 21.47
N GLY A 67 3.48 40.33 21.96
CA GLY A 67 3.85 40.04 23.32
C GLY A 67 4.64 38.73 23.45
N HIS A 68 4.09 37.80 24.21
CA HIS A 68 4.57 36.42 24.22
C HIS A 68 4.05 35.72 22.94
N MET A 69 4.48 34.48 22.74
CA MET A 69 4.15 33.76 21.54
C MET A 69 2.67 33.42 21.45
N VAL A 70 2.00 33.44 22.57
CA VAL A 70 0.56 33.36 22.61
C VAL A 70 -0.05 34.48 23.43
N VAL A 71 -1.33 34.68 23.30
CA VAL A 71 -2.15 35.44 24.20
C VAL A 71 -3.16 34.47 24.83
N LEU A 72 -3.40 34.66 26.12
CA LEU A 72 -4.22 33.75 26.91
C LEU A 72 -5.38 34.46 27.55
N ARG A 73 -6.59 34.00 27.29
CA ARG A 73 -7.80 34.60 27.85
C ARG A 73 -8.63 33.56 28.54
N GLY A 74 -9.45 34.01 29.49
CA GLY A 74 -10.41 33.15 30.16
C GLY A 74 -11.68 33.18 29.37
N VAL A 75 -12.41 32.09 29.36
CA VAL A 75 -13.68 32.01 28.64
C VAL A 75 -14.79 32.38 29.60
N GLY A 76 -15.75 33.16 29.13
CA GLY A 76 -16.85 33.59 30.01
C GLY A 76 -16.28 34.56 31.04
N ASP A 77 -16.52 34.29 32.33
CA ASP A 77 -15.91 35.10 33.38
C ASP A 77 -14.79 34.43 34.17
N SER A 78 -14.15 33.47 33.54
CA SER A 78 -12.95 32.87 34.12
C SER A 78 -11.83 33.86 34.14
N GLN A 79 -11.18 34.04 35.26
CA GLN A 79 -9.91 34.70 35.31
C GLN A 79 -8.87 33.81 34.68
N VAL A 80 -7.72 34.40 34.37
CA VAL A 80 -6.67 33.69 33.71
C VAL A 80 -5.38 34.15 34.37
N PRO A 81 -4.46 33.21 34.63
CA PRO A 81 -3.15 33.62 35.12
C PRO A 81 -2.33 34.37 34.06
N GLU A 82 -1.35 35.11 34.50
CA GLU A 82 -0.40 35.76 33.60
C GLU A 82 0.63 34.75 33.10
N ILE A 83 1.13 35.02 31.89
CA ILE A 83 2.19 34.23 31.31
C ILE A 83 3.50 34.66 31.94
N ASP A 84 4.32 33.69 32.36
CA ASP A 84 5.71 33.96 32.75
C ASP A 84 6.57 34.10 31.50
N ARG A 85 6.52 33.12 30.61
CA ARG A 85 7.35 33.06 29.45
C ARG A 85 6.81 31.95 28.54
N THR A 86 7.05 32.10 27.25
CA THR A 86 6.76 31.10 26.26
C THR A 86 8.05 30.65 25.60
N GLU A 87 8.23 29.35 25.42
CA GLU A 87 9.40 28.80 24.78
C GLU A 87 9.04 27.64 23.82
N LEU A 88 9.92 27.39 22.88
CA LEU A 88 9.77 26.29 21.95
C LEU A 88 10.81 25.19 22.29
N VAL A 89 10.31 23.99 22.53
CA VAL A 89 11.17 22.81 22.77
C VAL A 89 11.15 21.96 21.51
N GLU A 90 12.24 22.00 20.74
CA GLU A 90 12.25 21.44 19.38
C GLU A 90 12.10 19.90 19.34
N LEU A 91 12.78 19.23 20.28
CA LEU A 91 12.92 17.81 20.25
C LEU A 91 11.54 17.13 20.34
N THR A 92 10.78 17.46 21.38
CA THR A 92 9.46 16.96 21.55
C THR A 92 8.41 17.81 20.81
N GLU A 93 8.85 18.77 20.02
CA GLU A 93 7.95 19.53 19.13
C GLU A 93 6.83 20.27 19.87
N TYR A 94 7.18 20.98 20.92
CA TYR A 94 6.22 21.66 21.77
C TYR A 94 6.38 23.17 21.72
N LEU A 95 5.26 23.84 21.82
CA LEU A 95 5.21 25.21 22.34
C LEU A 95 4.79 25.11 23.81
N VAL A 96 5.53 25.77 24.69
CA VAL A 96 5.35 25.65 26.12
C VAL A 96 5.07 27.03 26.74
N VAL A 97 3.95 27.16 27.40
CA VAL A 97 3.53 28.37 28.03
C VAL A 97 3.57 28.26 29.56
N HIS A 98 4.62 28.82 30.16
CA HIS A 98 4.73 28.82 31.60
C HIS A 98 3.90 29.95 32.18
N LEU A 99 3.06 29.62 33.15
CA LEU A 99 2.17 30.53 33.79
C LEU A 99 2.63 30.90 35.21
N LYS A 100 2.17 32.05 35.67
CA LYS A 100 2.48 32.55 37.02
C LYS A 100 1.56 31.95 38.04
N GLY A 101 0.45 31.36 37.63
CA GLY A 101 -0.45 30.65 38.56
C GLY A 101 -1.08 29.47 37.84
N SER A 102 -1.96 28.74 38.51
CA SER A 102 -2.57 27.55 37.92
C SER A 102 -3.92 27.86 37.29
N LEU A 103 -4.13 27.23 36.16
CA LEU A 103 -5.47 27.05 35.60
C LEU A 103 -6.32 26.20 36.56
N GLN A 104 -7.63 26.39 36.50
CA GLN A 104 -8.58 25.76 37.42
C GLN A 104 -9.48 24.76 36.72
N PRO A 105 -9.69 23.58 37.34
CA PRO A 105 -10.53 22.56 36.71
C PRO A 105 -11.96 23.03 36.48
N GLY A 106 -12.54 22.66 35.36
CA GLY A 106 -13.87 23.09 34.99
C GLY A 106 -13.88 24.37 34.18
N HIS A 107 -12.76 25.09 34.21
CA HIS A 107 -12.65 26.39 33.50
C HIS A 107 -12.17 26.20 32.08
N MET A 108 -12.73 27.02 31.17
CA MET A 108 -12.28 27.03 29.80
C MET A 108 -11.40 28.24 29.50
N TYR A 109 -10.47 28.07 28.57
CA TYR A 109 -9.53 29.12 28.21
C TYR A 109 -9.37 29.21 26.70
N GLU A 110 -9.05 30.40 26.22
CA GLU A 110 -8.78 30.62 24.83
C GLU A 110 -7.34 31.12 24.65
N MET A 111 -6.63 30.50 23.73
CA MET A 111 -5.24 30.76 23.51
C MET A 111 -5.00 31.13 22.06
N GLU A 112 -4.62 32.37 21.83
CA GLU A 112 -4.45 32.90 20.48
C GLU A 112 -2.99 33.01 20.12
N SER A 113 -2.69 32.73 18.87
CA SER A 113 -1.35 32.94 18.34
C SER A 113 -1.37 33.44 16.90
N GLU A 114 -0.24 34.03 16.52
CA GLU A 114 0.07 34.36 15.13
C GLU A 114 1.42 33.83 14.76
N PHE A 115 1.52 33.32 13.55
CA PHE A 115 2.64 32.47 13.15
C PHE A 115 2.82 32.39 11.67
N GLN A 116 3.99 31.95 11.28
CA GLN A 116 4.26 31.59 9.89
C GLN A 116 5.27 30.49 9.78
N GLY A 117 5.22 29.76 8.66
CA GLY A 117 6.21 28.72 8.36
C GLY A 117 6.51 28.65 6.89
N GLU A 118 7.49 27.86 6.51
CA GLU A 118 7.81 27.69 5.11
C GLU A 118 6.68 26.93 4.45
N LEU A 119 6.29 27.35 3.26
CA LEU A 119 5.38 26.54 2.46
C LEU A 119 6.28 25.70 1.53
N ALA A 120 6.87 24.66 2.11
CA ALA A 120 7.94 23.92 1.47
C ALA A 120 7.38 22.85 0.53
N ASP A 121 8.19 22.41 -0.43
CA ASP A 121 7.76 21.26 -1.23
C ASP A 121 8.20 19.96 -0.57
N ASP A 122 7.61 19.67 0.57
CA ASP A 122 8.08 18.61 1.40
C ASP A 122 6.97 17.63 1.78
N LEU A 123 5.78 17.81 1.19
CA LEU A 123 4.65 16.92 1.46
C LEU A 123 4.32 16.73 2.94
N ALA A 124 4.55 17.77 3.73
CA ALA A 124 4.40 17.72 5.19
C ALA A 124 3.75 18.99 5.72
N GLY A 125 2.66 18.84 6.45
CA GLY A 125 1.89 19.93 6.99
C GLY A 125 1.16 20.69 5.87
N PHE A 126 1.18 22.02 5.97
CA PHE A 126 0.76 22.89 4.88
C PHE A 126 1.96 23.04 4.00
N TYR A 127 1.85 22.61 2.75
CA TYR A 127 3.01 22.58 1.89
C TYR A 127 2.66 22.98 0.49
N ARG A 128 3.67 23.24 -0.34
CA ARG A 128 3.43 23.59 -1.72
C ARG A 128 3.70 22.39 -2.66
N SER A 129 2.96 22.35 -3.76
CA SER A 129 3.18 21.37 -4.82
C SER A 129 3.22 22.06 -6.16
N GLU A 130 4.38 21.98 -6.84
CA GLU A 130 4.59 22.60 -8.17
C GLU A 130 4.36 21.62 -9.30
N TYR A 131 3.74 22.09 -10.37
CA TYR A 131 3.47 21.27 -11.55
C TYR A 131 3.30 22.14 -12.80
N MET A 132 3.49 21.55 -13.98
CA MET A 132 3.37 22.29 -15.28
C MET A 132 2.01 22.18 -15.97
N GLU A 133 1.50 23.29 -16.44
CA GLU A 133 0.38 23.35 -17.41
C GLU A 133 0.83 24.12 -18.63
N GLY A 134 1.32 23.38 -19.65
CA GLY A 134 1.87 24.01 -20.87
C GLY A 134 3.19 24.68 -20.54
N ASN A 135 3.26 25.98 -20.85
CA ASN A 135 4.50 26.77 -20.65
C ASN A 135 4.76 27.03 -19.16
N VAL A 136 3.70 26.99 -18.34
CA VAL A 136 3.76 27.57 -17.00
C VAL A 136 3.97 26.54 -15.88
N LYS A 137 4.90 26.84 -14.99
CA LYS A 137 4.95 26.22 -13.69
C LYS A 137 3.82 26.76 -12.83
N LYS A 138 2.93 25.86 -12.39
CA LYS A 138 1.87 26.18 -11.43
C LYS A 138 2.26 25.69 -10.03
N VAL A 139 1.66 26.29 -9.03
CA VAL A 139 1.97 26.05 -7.64
C VAL A 139 0.69 26.10 -6.85
N LEU A 140 0.37 25.02 -6.12
CA LEU A 140 -0.78 25.00 -5.26
C LEU A 140 -0.37 24.76 -3.84
N ALA A 141 -1.28 25.00 -2.91
CA ALA A 141 -1.04 24.80 -1.51
C ALA A 141 -1.98 23.71 -1.04
N THR A 142 -1.43 22.75 -0.31
CA THR A 142 -2.20 21.59 0.09
C THR A 142 -1.63 21.03 1.38
N THR A 143 -2.32 20.02 1.94
CA THR A 143 -1.95 19.57 3.27
C THR A 143 -1.66 18.09 3.30
N GLN A 144 -0.82 17.68 4.23
CA GLN A 144 -0.68 16.29 4.65
C GLN A 144 -0.25 16.28 6.13
N MET A 145 -1.19 16.06 7.04
CA MET A 145 -0.97 16.10 8.47
C MET A 145 -0.50 14.71 9.03
N GLN A 146 -1.05 13.66 8.43
CA GLN A 146 -0.76 12.29 8.80
C GLN A 146 0.76 12.05 8.89
N SER A 147 1.32 11.72 10.05
CA SER A 147 0.65 11.47 11.31
C SER A 147 0.74 12.64 12.28
N THR A 148 1.90 13.25 12.32
CA THR A 148 2.23 14.22 13.35
C THR A 148 2.66 15.59 12.76
N ASP A 149 2.02 15.96 11.67
CA ASP A 149 2.33 17.21 10.96
C ASP A 149 1.22 18.32 10.96
N ALA A 150 0.07 18.07 11.58
CA ALA A 150 -0.89 19.14 11.84
C ALA A 150 -0.20 20.33 12.59
N ARG A 151 0.56 19.98 13.64
CA ARG A 151 1.41 20.90 14.39
C ARG A 151 2.43 21.75 13.54
N LYS A 152 2.66 21.31 12.31
CA LYS A 152 3.51 22.02 11.39
C LYS A 152 2.75 23.16 10.67
N SER A 153 1.42 23.11 10.72
CA SER A 153 0.58 24.13 10.12
C SER A 153 0.00 25.14 11.09
N PHE A 154 -0.20 24.72 12.31
CA PHE A 154 -0.70 25.54 13.39
C PHE A 154 -0.54 24.82 14.74
N PRO A 155 -0.44 25.57 15.84
CA PRO A 155 -0.22 24.96 17.11
C PRO A 155 -1.46 24.21 17.59
N CYS A 156 -1.30 22.98 18.02
CA CYS A 156 -2.47 22.16 18.35
C CYS A 156 -2.10 20.99 19.27
N PHE A 157 -3.11 20.47 19.96
CA PHE A 157 -2.92 19.24 20.74
C PHE A 157 -2.99 18.08 19.76
N ASP A 158 -1.84 17.75 19.18
CA ASP A 158 -1.76 16.96 17.96
C ASP A 158 -1.62 15.46 18.29
N GLU A 159 -2.60 14.92 19.00
CA GLU A 159 -2.75 13.48 19.24
C GLU A 159 -4.16 13.05 18.82
N PRO A 160 -4.30 11.86 18.19
CA PRO A 160 -5.56 11.47 17.58
C PRO A 160 -6.80 11.42 18.50
N ALA A 161 -6.59 11.13 19.78
CA ALA A 161 -7.71 11.04 20.68
C ALA A 161 -8.23 12.42 21.16
N MET A 162 -7.40 13.45 21.01
CA MET A 162 -7.76 14.80 21.50
C MET A 162 -8.50 15.58 20.44
N LYS A 163 -9.72 15.15 20.28
CA LYS A 163 -10.56 15.58 19.17
C LYS A 163 -11.23 16.92 19.56
N ALA A 164 -11.58 17.68 18.55
CA ALA A 164 -12.20 18.97 18.68
C ALA A 164 -12.90 19.30 17.38
N THR A 165 -13.71 20.35 17.41
CA THR A 165 -14.20 20.97 16.17
C THR A 165 -13.22 22.04 15.67
N PHE A 166 -13.24 22.24 14.36
CA PHE A 166 -12.34 23.16 13.70
C PHE A 166 -13.14 24.11 12.80
N ASN A 167 -12.88 25.40 12.96
CA ASN A 167 -13.36 26.44 12.06
C ASN A 167 -12.21 26.97 11.23
N ILE A 168 -12.19 26.61 9.96
CA ILE A 168 -11.12 26.89 9.05
C ILE A 168 -11.50 28.07 8.19
N THR A 169 -10.56 29.02 8.04
CA THR A 169 -10.63 30.06 7.05
C THR A 169 -9.34 30.03 6.23
N LEU A 170 -9.48 30.10 4.91
CA LEU A 170 -8.39 30.29 4.00
C LEU A 170 -8.43 31.70 3.46
N ILE A 171 -7.26 32.34 3.42
CA ILE A 171 -7.05 33.59 2.68
C ILE A 171 -6.16 33.27 1.51
N HIS A 172 -6.63 33.56 0.31
CA HIS A 172 -6.06 33.05 -0.93
C HIS A 172 -6.28 34.04 -2.07
N PRO A 173 -5.49 33.90 -3.16
CA PRO A 173 -5.73 34.70 -4.36
C PRO A 173 -7.16 34.52 -4.87
N ASN A 174 -7.74 35.60 -5.35
CA ASN A 174 -9.17 35.65 -5.52
C ASN A 174 -9.66 34.90 -6.75
N ASN A 175 -8.74 34.45 -7.58
CA ASN A 175 -9.09 33.60 -8.70
C ASN A 175 -8.73 32.14 -8.50
N LEU A 176 -8.36 31.76 -7.27
CA LEU A 176 -8.12 30.37 -6.94
C LEU A 176 -9.25 29.79 -6.11
N THR A 177 -9.40 28.47 -6.11
CA THR A 177 -10.43 27.80 -5.33
C THR A 177 -9.86 27.27 -4.00
N ALA A 178 -10.65 27.42 -2.96
CA ALA A 178 -10.28 27.03 -1.62
C ALA A 178 -11.18 25.89 -1.19
N LEU A 179 -10.58 24.83 -0.72
CA LEU A 179 -11.31 23.63 -0.26
C LEU A 179 -10.83 23.24 1.14
N SER A 180 -11.76 22.76 1.97
CA SER A 180 -11.37 22.18 3.21
C SER A 180 -12.28 20.97 3.52
N ASN A 181 -12.19 20.44 4.74
CA ASN A 181 -13.03 19.33 5.17
C ASN A 181 -14.54 19.52 4.90
N MET A 182 -15.02 20.71 5.25
CA MET A 182 -16.43 21.08 5.23
C MET A 182 -16.73 21.98 4.03
N PRO A 183 -18.01 22.13 3.69
CA PRO A 183 -18.33 23.11 2.63
C PRO A 183 -18.00 24.52 3.14
N PRO A 184 -17.72 25.44 2.22
CA PRO A 184 -17.69 26.88 2.54
C PRO A 184 -19.01 27.36 3.14
N LYS A 185 -18.94 28.29 4.12
CA LYS A 185 -20.13 28.99 4.70
C LYS A 185 -20.98 29.74 3.66
N GLY A 186 -20.31 30.50 2.84
CA GLY A 186 -20.98 31.32 1.81
C GLY A 186 -19.96 31.63 0.74
N SER A 187 -20.30 32.61 -0.06
CA SER A 187 -19.36 33.15 -1.03
C SER A 187 -18.15 33.70 -0.29
N SER A 188 -17.00 33.56 -0.92
CA SER A 188 -15.78 34.24 -0.47
C SER A 188 -15.98 35.77 -0.53
N THR A 189 -15.35 36.49 0.37
CA THR A 189 -15.39 37.90 0.43
C THR A 189 -13.97 38.46 0.24
N PRO A 190 -13.84 39.68 -0.29
CA PRO A 190 -12.47 40.19 -0.53
C PRO A 190 -11.75 40.53 0.76
N LEU A 191 -10.43 40.39 0.77
CA LEU A 191 -9.64 40.78 1.93
C LEU A 191 -9.46 42.29 1.95
N ALA A 192 -9.89 42.93 3.03
CA ALA A 192 -9.89 44.41 3.16
C ALA A 192 -8.49 45.02 2.92
N GLU A 193 -7.46 44.43 3.52
CA GLU A 193 -6.09 44.88 3.31
C GLU A 193 -5.63 44.86 1.87
N ASP A 194 -6.08 43.86 1.10
CA ASP A 194 -5.66 43.68 -0.30
C ASP A 194 -6.70 42.82 -1.03
N PRO A 195 -7.64 43.46 -1.75
CA PRO A 195 -8.73 42.77 -2.48
C PRO A 195 -8.32 41.80 -3.56
N ASN A 196 -7.04 41.74 -3.92
CA ASN A 196 -6.56 40.66 -4.80
C ASN A 196 -6.67 39.28 -4.11
N TRP A 197 -6.83 39.32 -2.80
CA TRP A 197 -7.06 38.13 -2.00
C TRP A 197 -8.53 38.05 -1.59
N SER A 198 -9.02 36.85 -1.44
CA SER A 198 -10.32 36.61 -0.86
C SER A 198 -10.24 35.77 0.43
N VAL A 199 -11.31 35.82 1.19
CA VAL A 199 -11.47 35.12 2.43
C VAL A 199 -12.56 34.07 2.25
N THR A 200 -12.22 32.80 2.45
CA THR A 200 -13.19 31.71 2.45
C THR A 200 -13.27 31.07 3.83
N GLU A 201 -14.43 31.19 4.45
CA GLU A 201 -14.70 30.51 5.71
C GLU A 201 -15.46 29.20 5.47
N PHE A 202 -15.12 28.21 6.26
CA PHE A 202 -15.72 26.88 6.12
C PHE A 202 -16.61 26.59 7.33
N GLU A 203 -17.69 25.86 7.10
CA GLU A 203 -18.53 25.36 8.19
C GLU A 203 -17.68 24.57 9.22
N THR A 204 -18.14 24.60 10.46
CA THR A 204 -17.55 23.89 11.57
C THR A 204 -17.46 22.38 11.27
N THR A 205 -16.28 21.80 11.48
CA THR A 205 -16.10 20.35 11.30
C THR A 205 -16.89 19.65 12.41
N PRO A 206 -17.24 18.39 12.21
CA PRO A 206 -17.55 17.63 13.44
C PRO A 206 -16.32 17.50 14.39
N VAL A 207 -16.57 16.99 15.58
CA VAL A 207 -15.52 16.66 16.52
C VAL A 207 -14.63 15.65 15.80
N MET A 208 -13.34 15.95 15.73
CA MET A 208 -12.41 15.21 14.85
C MET A 208 -10.96 15.33 15.29
N SER A 209 -10.11 14.48 14.72
CA SER A 209 -8.70 14.48 15.00
C SER A 209 -7.95 15.49 14.10
N THR A 210 -6.90 16.07 14.64
CA THR A 210 -6.01 16.93 13.89
C THR A 210 -5.39 16.30 12.65
N TYR A 211 -5.08 14.98 12.70
CA TYR A 211 -4.36 14.37 11.59
C TYR A 211 -5.25 14.22 10.36
N LEU A 212 -6.55 14.46 10.52
CA LEU A 212 -7.51 14.37 9.42
C LEU A 212 -7.91 15.71 8.79
N LEU A 213 -7.34 16.80 9.28
CA LEU A 213 -7.59 18.13 8.67
C LEU A 213 -6.97 18.24 7.30
N ALA A 214 -7.65 18.96 6.42
CA ALA A 214 -7.12 19.30 5.10
C ALA A 214 -7.59 20.70 4.61
N TYR A 215 -6.76 21.37 3.89
CA TYR A 215 -7.19 22.58 3.15
C TYR A 215 -6.28 22.82 1.96
N ILE A 216 -6.88 23.27 0.87
CA ILE A 216 -6.20 23.29 -0.40
C ILE A 216 -6.59 24.53 -1.17
N VAL A 217 -5.59 25.17 -1.76
CA VAL A 217 -5.79 26.34 -2.59
C VAL A 217 -5.17 26.05 -3.92
N SER A 218 -6.00 26.05 -4.95
CA SER A 218 -5.55 25.76 -6.31
C SER A 218 -6.48 26.32 -7.39
N GLU A 219 -6.09 26.12 -8.64
CA GLU A 219 -7.00 26.38 -9.75
C GLU A 219 -7.64 25.15 -10.34
N PHE A 220 -7.83 24.17 -9.48
CA PHE A 220 -8.43 22.90 -9.89
C PHE A 220 -9.89 23.07 -10.19
N GLN A 221 -10.40 22.18 -11.02
CA GLN A 221 -11.81 22.12 -11.33
C GLN A 221 -12.36 20.74 -10.97
N SER A 222 -13.67 20.60 -11.07
CA SER A 222 -14.34 19.42 -10.62
C SER A 222 -15.43 18.91 -11.54
N VAL A 223 -15.67 17.62 -11.49
CA VAL A 223 -16.93 17.00 -11.91
C VAL A 223 -17.70 16.59 -10.63
N ASN A 224 -19.02 16.68 -10.72
CA ASN A 224 -19.91 16.69 -9.55
C ASN A 224 -21.06 15.71 -9.73
N GLU A 225 -21.56 15.17 -8.65
CA GLU A 225 -22.85 14.51 -8.66
C GLU A 225 -23.48 14.65 -7.28
N THR A 226 -24.81 14.75 -7.25
CA THR A 226 -25.52 14.80 -6.01
C THR A 226 -26.15 13.45 -5.86
N ALA A 227 -25.61 12.61 -4.99
CA ALA A 227 -26.38 11.44 -4.48
C ALA A 227 -27.80 11.89 -4.07
N GLN A 228 -28.72 10.93 -4.03
CA GLN A 228 -30.17 11.21 -3.77
C GLN A 228 -30.46 11.81 -2.40
N ASN A 229 -29.67 11.39 -1.42
CA ASN A 229 -29.76 11.92 -0.04
C ASN A 229 -29.08 13.29 0.05
N GLY A 230 -28.70 13.86 -1.10
CA GLY A 230 -28.21 15.23 -1.14
C GLY A 230 -26.71 15.35 -0.85
N VAL A 231 -26.05 14.26 -0.49
CA VAL A 231 -24.58 14.31 -0.32
C VAL A 231 -23.92 14.68 -1.65
N LEU A 232 -23.21 15.79 -1.65
CA LEU A 232 -22.52 16.21 -2.82
C LEU A 232 -21.20 15.48 -2.95
N ILE A 233 -20.95 14.91 -4.12
CA ILE A 233 -19.70 14.23 -4.45
C ILE A 233 -19.01 15.03 -5.54
N ARG A 234 -17.76 15.38 -5.32
CA ARG A 234 -16.96 16.03 -6.36
C ARG A 234 -15.61 15.33 -6.52
N ILE A 235 -15.15 15.22 -7.73
CA ILE A 235 -13.79 14.84 -8.07
C ILE A 235 -13.06 16.08 -8.61
N TRP A 236 -11.97 16.43 -7.93
CA TRP A 236 -11.19 17.60 -8.28
C TRP A 236 -9.85 17.19 -8.91
N ALA A 237 -9.42 17.95 -9.90
CA ALA A 237 -8.17 17.69 -10.58
C ALA A 237 -7.77 18.89 -11.42
N ARG A 238 -6.55 18.83 -11.96
CA ARG A 238 -6.07 19.82 -12.92
C ARG A 238 -7.12 20.11 -14.01
N PRO A 239 -7.28 21.40 -14.35
CA PRO A 239 -8.20 21.75 -15.41
C PRO A 239 -8.12 20.85 -16.65
N ASN A 240 -6.93 20.58 -17.17
CA ASN A 240 -6.86 19.76 -18.39
C ASN A 240 -7.25 18.27 -18.15
N ALA A 241 -6.93 17.75 -16.98
CA ALA A 241 -7.37 16.42 -16.58
C ALA A 241 -8.87 16.34 -16.61
N ILE A 242 -9.53 17.30 -15.97
CA ILE A 242 -10.98 17.34 -15.96
C ILE A 242 -11.54 17.44 -17.38
N ALA A 243 -10.94 18.29 -18.21
CA ALA A 243 -11.48 18.52 -19.56
C ALA A 243 -11.37 17.28 -20.42
N GLU A 244 -10.39 16.42 -20.13
CA GLU A 244 -10.15 15.18 -20.89
C GLU A 244 -11.00 13.99 -20.40
N GLY A 245 -11.69 14.18 -19.29
CA GLY A 245 -12.69 13.21 -18.83
C GLY A 245 -12.11 12.23 -17.82
N HIS A 246 -10.90 12.51 -17.34
CA HIS A 246 -10.18 11.58 -16.51
C HIS A 246 -10.75 11.38 -15.09
N GLY A 247 -11.67 12.25 -14.70
CA GLY A 247 -12.35 12.16 -13.43
C GLY A 247 -13.57 11.28 -13.44
N MET A 248 -14.05 10.88 -14.63
CA MET A 248 -15.33 10.21 -14.74
C MET A 248 -15.45 8.86 -14.03
N TYR A 249 -14.40 8.03 -14.12
CA TYR A 249 -14.48 6.72 -13.46
C TYR A 249 -14.63 6.88 -11.95
N ALA A 250 -13.79 7.72 -11.36
CA ALA A 250 -13.86 8.00 -9.93
C ALA A 250 -15.25 8.49 -9.52
N LEU A 251 -15.83 9.38 -10.33
CA LEU A 251 -17.20 9.85 -10.09
C LEU A 251 -18.22 8.72 -10.16
N ASN A 252 -18.13 7.91 -11.20
CA ASN A 252 -19.00 6.73 -11.33
C ASN A 252 -19.04 5.87 -10.06
N VAL A 253 -17.89 5.55 -9.50
CA VAL A 253 -17.83 4.51 -8.43
C VAL A 253 -18.06 5.09 -7.04
N THR A 254 -17.82 6.39 -6.90
CA THR A 254 -17.74 6.98 -5.58
C THR A 254 -19.05 6.87 -4.85
N GLY A 255 -20.11 7.18 -5.58
CA GLY A 255 -21.47 7.20 -5.04
C GLY A 255 -21.91 5.82 -4.55
N PRO A 256 -21.84 4.84 -5.43
CA PRO A 256 -22.13 3.46 -5.02
C PRO A 256 -21.30 3.01 -3.78
N ILE A 257 -20.01 3.31 -3.77
CA ILE A 257 -19.16 2.93 -2.65
C ILE A 257 -19.58 3.55 -1.33
N LEU A 258 -19.76 4.85 -1.33
CA LEU A 258 -20.30 5.53 -0.17
C LEU A 258 -21.57 4.91 0.28
N ASN A 259 -22.46 4.65 -0.67
CA ASN A 259 -23.73 4.00 -0.36
C ASN A 259 -23.58 2.61 0.24
N PHE A 260 -22.69 1.83 -0.34
CA PHE A 260 -22.39 0.51 0.20
C PHE A 260 -21.94 0.61 1.67
N PHE A 261 -21.05 1.56 1.96
CA PHE A 261 -20.49 1.59 3.29
C PHE A 261 -21.51 2.02 4.31
N ALA A 262 -22.33 3.02 3.98
CA ALA A 262 -23.36 3.45 4.93
C ALA A 262 -24.29 2.28 5.29
N ASN A 263 -24.64 1.47 4.31
CA ASN A 263 -25.41 0.26 4.61
C ASN A 263 -24.56 -0.84 5.29
N HIS A 264 -23.36 -1.10 4.80
CA HIS A 264 -22.42 -2.01 5.44
C HIS A 264 -22.28 -1.68 6.92
N TYR A 265 -21.84 -0.49 7.19
CA TYR A 265 -21.63 -0.04 8.56
C TYR A 265 -22.94 0.26 9.30
N ASN A 266 -24.08 0.21 8.62
CA ASN A 266 -25.33 0.61 9.27
C ASN A 266 -25.30 2.04 9.92
N THR A 267 -24.56 2.95 9.28
CA THR A 267 -24.26 4.27 9.83
C THR A 267 -24.15 5.29 8.70
N SER A 268 -25.00 6.30 8.75
CA SER A 268 -24.99 7.35 7.73
C SER A 268 -23.62 7.97 7.61
N TYR A 269 -23.25 8.27 6.37
CA TYR A 269 -22.06 9.04 6.07
C TYR A 269 -22.19 10.33 6.83
N PRO A 270 -21.14 10.72 7.59
CA PRO A 270 -21.31 11.72 8.63
C PRO A 270 -21.11 13.17 8.15
N LEU A 271 -20.98 13.40 6.85
CA LEU A 271 -20.66 14.74 6.34
C LEU A 271 -21.61 15.18 5.18
N PRO A 272 -21.64 16.51 4.91
CA PRO A 272 -22.57 17.01 3.89
C PRO A 272 -22.06 16.81 2.49
N LYS A 273 -20.77 16.56 2.36
CA LYS A 273 -20.15 16.39 1.07
C LYS A 273 -18.91 15.54 1.19
N SER A 274 -18.48 15.01 0.05
CA SER A 274 -17.24 14.30 -0.07
C SER A 274 -16.49 14.85 -1.28
N ASP A 275 -15.36 15.50 -1.05
CA ASP A 275 -14.45 15.81 -2.13
C ASP A 275 -13.33 14.78 -2.23
N GLN A 276 -12.94 14.45 -3.46
CA GLN A 276 -11.70 13.73 -3.73
C GLN A 276 -10.84 14.43 -4.74
N ILE A 277 -9.58 14.58 -4.44
CA ILE A 277 -8.72 15.44 -5.23
C ILE A 277 -7.48 14.71 -5.70
N ALA A 278 -7.24 14.75 -7.00
CA ALA A 278 -6.05 14.23 -7.63
C ALA A 278 -4.92 15.22 -7.62
N LEU A 279 -3.85 14.92 -6.89
CA LEU A 279 -2.66 15.74 -6.84
C LEU A 279 -1.52 15.14 -7.66
N PRO A 280 -0.87 15.97 -8.50
CA PRO A 280 0.34 15.54 -9.18
C PRO A 280 1.49 15.24 -8.18
N ASP A 281 2.12 14.10 -8.33
CA ASP A 281 3.32 13.72 -7.56
C ASP A 281 3.07 13.54 -6.06
N PHE A 282 1.84 13.28 -5.67
CA PHE A 282 1.55 13.02 -4.25
C PHE A 282 2.13 11.69 -3.83
N ASN A 283 3.40 11.69 -3.47
CA ASN A 283 4.16 10.47 -3.15
C ASN A 283 3.64 9.59 -1.99
N ALA A 284 2.83 10.16 -1.13
CA ALA A 284 2.21 9.43 -0.07
C ALA A 284 1.00 8.58 -0.50
N GLY A 285 0.63 8.64 -1.80
CA GLY A 285 -0.37 7.74 -2.36
C GLY A 285 -1.84 8.15 -2.25
N ALA A 286 -2.38 8.05 -1.04
CA ALA A 286 -3.70 8.59 -0.73
C ALA A 286 -3.92 8.88 0.74
N MET A 287 -4.70 9.90 1.06
CA MET A 287 -4.96 10.24 2.45
C MET A 287 -6.42 10.56 2.74
N GLU A 288 -6.92 9.97 3.80
CA GLU A 288 -8.35 9.92 4.03
C GLU A 288 -8.91 11.15 4.81
N ASN A 289 -8.40 12.34 4.53
CA ASN A 289 -8.83 13.51 5.30
C ASN A 289 -10.33 13.60 5.21
N TRP A 290 -10.96 13.80 6.35
CA TRP A 290 -12.38 13.69 6.46
C TRP A 290 -13.11 14.74 5.61
N GLY A 291 -13.64 14.33 4.45
CA GLY A 291 -14.44 15.21 3.59
C GLY A 291 -13.65 15.79 2.42
N LEU A 292 -12.34 15.59 2.45
CA LEU A 292 -11.45 16.03 1.42
C LEU A 292 -10.27 15.03 1.33
N VAL A 293 -10.50 13.94 0.60
CA VAL A 293 -9.52 12.91 0.42
C VAL A 293 -8.59 13.23 -0.73
N THR A 294 -7.29 13.14 -0.46
CA THR A 294 -6.24 13.40 -1.44
C THR A 294 -5.69 12.08 -2.02
N TYR A 295 -5.44 12.10 -3.32
CA TYR A 295 -4.84 10.99 -4.05
C TYR A 295 -3.71 11.50 -4.93
N ARG A 296 -2.73 10.65 -5.21
CA ARG A 296 -1.90 10.90 -6.37
C ARG A 296 -2.73 10.66 -7.61
N GLU A 297 -2.43 11.37 -8.68
CA GLU A 297 -3.28 11.39 -9.85
C GLU A 297 -3.57 10.03 -10.41
N ASN A 298 -2.56 9.19 -10.48
CA ASN A 298 -2.73 7.85 -11.07
C ASN A 298 -3.40 6.90 -10.13
N ALA A 299 -3.79 7.40 -8.94
CA ALA A 299 -4.65 6.64 -8.07
C ALA A 299 -6.10 7.06 -8.18
N LEU A 300 -6.37 8.22 -8.82
CA LEU A 300 -7.76 8.69 -8.87
C LEU A 300 -8.29 8.85 -10.28
N LEU A 301 -7.41 9.26 -11.17
CA LEU A 301 -7.78 9.51 -12.56
C LEU A 301 -7.61 8.24 -13.38
N PHE A 302 -8.42 8.09 -14.41
CA PHE A 302 -8.38 6.98 -15.31
C PHE A 302 -8.60 7.47 -16.72
N ASP A 303 -7.71 7.10 -17.64
CA ASP A 303 -7.89 7.40 -19.06
C ASP A 303 -8.25 6.14 -19.87
N PRO A 304 -9.50 6.00 -20.27
CA PRO A 304 -9.94 4.81 -21.05
C PRO A 304 -9.10 4.52 -22.31
N GLN A 305 -8.52 5.55 -22.91
CA GLN A 305 -7.74 5.40 -24.13
C GLN A 305 -6.40 4.72 -23.88
N SER A 306 -5.78 5.02 -22.74
CA SER A 306 -4.41 4.60 -22.48
C SER A 306 -4.25 3.71 -21.25
N SER A 307 -5.13 3.88 -20.27
CA SER A 307 -5.05 3.14 -18.99
C SER A 307 -5.52 1.69 -19.16
N SER A 308 -4.97 0.79 -18.35
CA SER A 308 -5.22 -0.63 -18.44
C SER A 308 -6.23 -1.05 -17.39
N ILE A 309 -6.75 -2.27 -17.51
CA ILE A 309 -7.67 -2.85 -16.52
C ILE A 309 -7.06 -2.85 -15.11
N SER A 310 -5.78 -3.11 -15.00
CA SER A 310 -5.16 -3.11 -13.68
C SER A 310 -5.11 -1.68 -13.09
N ASN A 311 -4.91 -0.67 -13.94
CA ASN A 311 -5.09 0.73 -13.53
C ASN A 311 -6.52 0.99 -13.01
N LYS A 312 -7.49 0.41 -13.71
CA LYS A 312 -8.88 0.59 -13.34
C LYS A 312 -9.13 -0.02 -11.96
N GLU A 313 -8.61 -1.22 -11.76
CA GLU A 313 -8.68 -1.89 -10.48
C GLU A 313 -8.06 -1.07 -9.35
N ARG A 314 -6.90 -0.48 -9.61
CA ARG A 314 -6.22 0.33 -8.60
C ARG A 314 -7.11 1.52 -8.16
N VAL A 315 -7.76 2.16 -9.11
CA VAL A 315 -8.59 3.32 -8.81
C VAL A 315 -9.77 2.95 -7.92
N VAL A 316 -10.53 1.95 -8.32
CA VAL A 316 -11.71 1.59 -7.56
C VAL A 316 -11.39 1.09 -6.15
N THR A 317 -10.31 0.35 -5.98
CA THR A 317 -9.96 -0.17 -4.67
C THR A 317 -9.36 0.90 -3.73
N VAL A 318 -8.57 1.80 -4.29
CA VAL A 318 -8.00 2.91 -3.52
C VAL A 318 -9.10 3.86 -3.01
N ILE A 319 -10.04 4.21 -3.89
CA ILE A 319 -11.22 4.97 -3.47
C ILE A 319 -11.97 4.24 -2.34
N ALA A 320 -12.26 2.96 -2.57
CA ALA A 320 -12.94 2.18 -1.57
C ALA A 320 -12.16 2.18 -0.24
N HIS A 321 -10.84 2.07 -0.33
CA HIS A 321 -9.99 2.14 0.84
C HIS A 321 -10.17 3.48 1.61
N GLU A 322 -9.91 4.59 0.93
CA GLU A 322 -10.03 5.90 1.57
C GLU A 322 -11.44 6.13 2.10
N LEU A 323 -12.46 5.71 1.36
CA LEU A 323 -13.83 5.94 1.77
C LEU A 323 -14.22 5.12 3.00
N ALA A 324 -13.61 3.95 3.14
CA ALA A 324 -13.91 3.10 4.27
C ALA A 324 -13.54 3.82 5.56
N HIS A 325 -12.40 4.52 5.51
CA HIS A 325 -11.89 5.30 6.63
C HIS A 325 -12.90 6.36 7.14
N GLN A 326 -13.80 6.82 6.28
CA GLN A 326 -14.73 7.90 6.66
C GLN A 326 -15.64 7.52 7.83
N TRP A 327 -15.85 6.22 8.02
CA TRP A 327 -16.42 5.71 9.24
C TRP A 327 -15.29 5.13 10.11
N PHE A 328 -14.52 4.19 9.56
CA PHE A 328 -13.58 3.46 10.36
C PHE A 328 -12.21 4.13 10.33
N GLY A 329 -11.90 4.84 11.41
CA GLY A 329 -10.74 5.69 11.46
C GLY A 329 -11.10 7.15 11.72
N ASN A 330 -12.10 7.67 11.01
CA ASN A 330 -12.45 9.09 11.08
C ASN A 330 -13.58 9.35 12.08
N LEU A 331 -14.72 8.66 11.91
CA LEU A 331 -15.78 8.72 12.89
C LEU A 331 -15.38 8.08 14.25
N VAL A 332 -14.80 6.89 14.17
CA VAL A 332 -14.23 6.22 15.32
C VAL A 332 -12.74 6.06 15.05
N THR A 333 -11.94 6.61 15.95
CA THR A 333 -10.53 6.76 15.74
C THR A 333 -9.81 5.97 16.83
N LEU A 334 -8.75 5.31 16.47
CA LEU A 334 -7.92 4.62 17.43
C LEU A 334 -7.19 5.62 18.33
N ALA A 335 -7.23 5.36 19.62
CA ALA A 335 -6.67 6.21 20.63
C ALA A 335 -5.20 6.51 20.46
N TRP A 336 -4.44 5.59 19.87
CA TRP A 336 -3.03 5.77 19.71
C TRP A 336 -2.47 4.97 18.56
N TRP A 337 -1.34 5.43 18.04
CA TRP A 337 -0.76 4.89 16.85
C TRP A 337 -0.29 3.42 16.94
N ASN A 338 -0.10 2.94 18.16
CA ASN A 338 0.22 1.51 18.37
C ASN A 338 -0.88 0.59 17.81
N ASP A 339 -2.11 1.09 17.78
CA ASP A 339 -3.22 0.39 17.17
C ASP A 339 -3.51 0.77 15.74
N LEU A 340 -2.55 1.41 15.04
CA LEU A 340 -2.72 1.75 13.65
C LEU A 340 -3.21 0.60 12.79
N TRP A 341 -2.62 -0.59 13.02
CA TRP A 341 -2.90 -1.80 12.22
C TRP A 341 -4.38 -2.04 12.13
N LEU A 342 -5.08 -1.81 13.22
CA LEU A 342 -6.51 -2.01 13.18
C LEU A 342 -7.10 -1.17 12.09
N ASN A 343 -6.93 0.14 12.22
CA ASN A 343 -7.44 1.11 11.24
C ASN A 343 -7.08 0.85 9.77
N GLU A 344 -5.79 0.70 9.48
CA GLU A 344 -5.32 0.47 8.11
C GLU A 344 -5.62 -0.97 7.65
N GLY A 345 -5.64 -1.89 8.60
CA GLY A 345 -5.92 -3.30 8.25
C GLY A 345 -7.38 -3.42 7.89
N PHE A 346 -8.22 -2.79 8.70
CA PHE A 346 -9.63 -2.69 8.39
C PHE A 346 -9.95 -2.08 7.02
N ALA A 347 -9.41 -0.90 6.72
CA ALA A 347 -9.57 -0.35 5.35
C ALA A 347 -8.98 -1.24 4.28
N SER A 348 -7.79 -1.77 4.53
CA SER A 348 -7.12 -2.64 3.55
C SER A 348 -7.96 -3.91 3.23
N TYR A 349 -8.83 -4.26 4.15
CA TYR A 349 -9.75 -5.36 3.94
C TYR A 349 -11.03 -4.93 3.23
N VAL A 350 -11.75 -3.94 3.80
CA VAL A 350 -13.08 -3.58 3.30
C VAL A 350 -13.04 -2.82 1.99
N GLU A 351 -11.85 -2.38 1.61
CA GLU A 351 -11.64 -1.79 0.29
C GLU A 351 -12.13 -2.79 -0.78
N TYR A 352 -11.83 -4.09 -0.57
CA TYR A 352 -12.33 -5.10 -1.49
C TYR A 352 -13.87 -5.20 -1.49
N LEU A 353 -14.48 -5.16 -0.31
CA LEU A 353 -15.93 -5.11 -0.19
C LEU A 353 -16.58 -3.91 -0.91
N GLY A 354 -16.05 -2.70 -0.68
CA GLY A 354 -16.59 -1.51 -1.30
C GLY A 354 -16.46 -1.57 -2.81
N ALA A 355 -15.27 -1.93 -3.28
CA ALA A 355 -14.98 -1.99 -4.70
C ALA A 355 -15.82 -3.04 -5.43
N ASP A 356 -16.09 -4.12 -4.74
CA ASP A 356 -16.89 -5.22 -5.31
C ASP A 356 -18.32 -4.75 -5.47
N HIS A 357 -18.78 -3.88 -4.58
CA HIS A 357 -20.08 -3.26 -4.81
C HIS A 357 -20.16 -2.42 -6.08
N ALA A 358 -19.14 -1.64 -6.32
CA ALA A 358 -19.03 -0.81 -7.50
C ALA A 358 -18.79 -1.62 -8.78
N GLU A 359 -18.06 -2.72 -8.66
CA GLU A 359 -17.79 -3.59 -9.79
C GLU A 359 -18.13 -5.07 -9.46
N PRO A 360 -19.43 -5.39 -9.35
CA PRO A 360 -19.85 -6.68 -8.87
C PRO A 360 -19.53 -7.90 -9.77
N THR A 361 -19.14 -7.66 -11.04
CA THR A 361 -18.80 -8.77 -11.92
C THR A 361 -17.34 -9.16 -11.85
N TRP A 362 -16.53 -8.44 -11.08
CA TRP A 362 -15.08 -8.58 -11.20
C TRP A 362 -14.45 -9.56 -10.22
N ASN A 363 -15.23 -10.05 -9.27
CA ASN A 363 -14.71 -10.96 -8.26
C ASN A 363 -13.50 -10.38 -7.47
N LEU A 364 -13.57 -9.10 -7.18
CA LEU A 364 -12.46 -8.35 -6.59
C LEU A 364 -12.04 -8.88 -5.26
N LYS A 365 -13.00 -9.41 -4.51
CA LYS A 365 -12.74 -9.95 -3.18
C LYS A 365 -11.62 -10.99 -3.19
N ASP A 366 -11.53 -11.73 -4.27
CA ASP A 366 -10.51 -12.79 -4.42
C ASP A 366 -9.08 -12.21 -4.29
N LEU A 367 -8.90 -10.96 -4.73
CA LEU A 367 -7.58 -10.38 -4.93
C LEU A 367 -6.81 -10.09 -3.63
N ILE A 368 -7.51 -10.07 -2.51
CA ILE A 368 -6.86 -9.99 -1.22
C ILE A 368 -5.83 -11.12 -0.98
N VAL A 369 -6.05 -12.25 -1.61
CA VAL A 369 -5.17 -13.37 -1.36
C VAL A 369 -3.77 -13.16 -1.91
N PRO A 370 -3.64 -13.04 -3.24
CA PRO A 370 -2.33 -12.70 -3.77
C PRO A 370 -1.89 -11.32 -3.29
N GLY A 371 -2.85 -10.40 -3.14
CA GLY A 371 -2.53 -8.99 -2.93
C GLY A 371 -2.04 -8.65 -1.53
N ASP A 372 -2.65 -9.25 -0.53
CA ASP A 372 -2.30 -9.00 0.86
C ASP A 372 -1.77 -10.22 1.67
N VAL A 373 -2.44 -11.36 1.51
CA VAL A 373 -2.16 -12.57 2.32
C VAL A 373 -0.77 -13.12 2.05
N TYR A 374 -0.53 -13.52 0.82
CA TYR A 374 0.76 -14.09 0.44
C TYR A 374 1.86 -13.04 0.37
N ARG A 375 1.48 -11.81 0.09
CA ARG A 375 2.41 -10.72 0.16
C ARG A 375 3.01 -10.57 1.57
N VAL A 376 2.15 -10.42 2.57
CA VAL A 376 2.62 -10.19 3.91
C VAL A 376 3.22 -11.50 4.56
N MET A 377 2.78 -12.67 4.12
CA MET A 377 3.34 -13.92 4.64
C MET A 377 4.82 -14.08 4.31
N ALA A 378 5.25 -13.52 3.18
CA ALA A 378 6.65 -13.48 2.84
C ALA A 378 7.51 -12.83 3.93
N VAL A 379 7.00 -11.76 4.55
CA VAL A 379 7.75 -11.04 5.58
C VAL A 379 7.42 -11.50 6.99
N ASP A 380 6.22 -12.03 7.18
CA ASP A 380 5.82 -12.53 8.48
C ASP A 380 6.34 -13.93 8.80
N ALA A 381 6.92 -14.61 7.80
CA ALA A 381 7.53 -15.91 7.97
C ALA A 381 9.04 -15.72 8.18
N LEU A 382 9.41 -14.57 8.74
CA LEU A 382 10.79 -14.25 9.01
C LEU A 382 10.97 -14.11 10.52
N ALA A 383 12.17 -14.49 11.00
CA ALA A 383 12.48 -14.29 12.41
C ALA A 383 12.40 -12.81 12.79
N SER A 384 12.63 -11.94 11.82
CA SER A 384 12.71 -10.49 12.09
C SER A 384 11.39 -9.73 12.10
N SER A 385 10.27 -10.44 12.03
CA SER A 385 8.97 -9.79 12.01
C SER A 385 8.58 -9.22 13.35
N HIS A 386 7.34 -8.77 13.46
CA HIS A 386 6.82 -8.21 14.68
C HIS A 386 5.31 -8.41 14.79
N PRO A 387 4.76 -8.38 16.02
CA PRO A 387 3.31 -8.50 16.24
C PRO A 387 2.52 -7.36 15.60
N LEU A 388 1.26 -7.61 15.29
CA LEU A 388 0.37 -6.54 14.92
C LEU A 388 0.33 -5.49 16.01
N THR A 389 0.17 -5.95 17.24
CA THR A 389 0.07 -5.10 18.43
C THR A 389 1.42 -4.74 19.00
N THR A 390 1.62 -3.48 19.26
CA THR A 390 2.78 -2.99 19.96
C THR A 390 2.24 -2.32 21.20
N PRO A 391 2.95 -2.47 22.32
CA PRO A 391 2.50 -1.72 23.48
C PRO A 391 2.53 -0.17 23.23
N ALA A 392 1.51 0.49 23.75
CA ALA A 392 1.31 1.90 23.53
C ALA A 392 2.53 2.72 24.07
N GLU A 393 3.10 2.24 25.17
CA GLU A 393 4.16 2.93 25.82
C GLU A 393 5.49 2.78 25.09
N GLU A 394 5.51 2.02 24.01
CA GLU A 394 6.74 1.86 23.21
C GLU A 394 6.71 2.73 21.95
N VAL A 395 5.56 3.31 21.66
CA VAL A 395 5.37 4.15 20.47
C VAL A 395 5.22 5.62 20.90
N ASN A 396 6.30 6.39 20.75
CA ASN A 396 6.36 7.71 21.37
C ASN A 396 6.80 8.80 20.43
N THR A 397 7.86 8.55 19.67
CA THR A 397 8.42 9.57 18.80
C THR A 397 7.66 9.57 17.47
N PRO A 398 7.79 10.68 16.71
CA PRO A 398 7.26 10.69 15.35
C PRO A 398 7.83 9.57 14.47
N ALA A 399 9.12 9.27 14.60
CA ALA A 399 9.74 8.17 13.84
C ALA A 399 9.10 6.83 14.24
N GLN A 400 8.93 6.59 15.53
CA GLN A 400 8.26 5.36 16.02
C GLN A 400 6.84 5.21 15.51
N ILE A 401 6.13 6.33 15.44
CA ILE A 401 4.81 6.37 14.86
C ILE A 401 4.82 5.98 13.39
N SER A 402 5.75 6.57 12.64
CA SER A 402 5.92 6.25 11.23
C SER A 402 6.17 4.78 10.95
N GLU A 403 6.94 4.16 11.83
CA GLU A 403 7.30 2.74 11.69
C GLU A 403 6.04 1.86 11.77
N MET A 404 4.95 2.39 12.33
CA MET A 404 3.69 1.65 12.33
C MET A 404 3.08 1.42 10.94
N PHE A 405 3.48 2.23 9.97
CA PHE A 405 2.88 2.17 8.64
C PHE A 405 3.63 1.20 7.75
N ASP A 406 3.40 -0.09 7.94
CA ASP A 406 4.15 -1.12 7.20
C ASP A 406 3.27 -2.31 6.76
N SER A 407 3.89 -3.22 6.01
CA SER A 407 3.28 -4.48 5.52
C SER A 407 2.38 -5.12 6.55
N ILE A 408 2.96 -5.36 7.72
CA ILE A 408 2.31 -6.09 8.76
C ILE A 408 1.00 -5.38 9.11
N SER A 409 1.09 -4.10 9.43
CA SER A 409 -0.10 -3.31 9.80
C SER A 409 -1.22 -3.30 8.74
N TYR A 410 -0.87 -3.11 7.49
CA TYR A 410 -1.88 -3.03 6.43
C TYR A 410 -2.36 -4.43 6.03
N SER A 411 -1.42 -5.26 5.58
CA SER A 411 -1.74 -6.50 4.88
C SER A 411 -2.06 -7.66 5.85
N LYS A 412 -1.29 -7.81 6.92
CA LYS A 412 -1.63 -8.78 7.93
C LYS A 412 -2.88 -8.35 8.67
N GLY A 413 -2.95 -7.05 8.97
CA GLY A 413 -4.18 -6.52 9.52
C GLY A 413 -5.38 -6.84 8.66
N ALA A 414 -5.29 -6.62 7.36
CA ALA A 414 -6.39 -6.97 6.44
C ALA A 414 -6.62 -8.51 6.52
N SER A 415 -5.55 -9.28 6.57
CA SER A 415 -5.66 -10.74 6.51
C SER A 415 -6.38 -11.30 7.75
N VAL A 416 -5.96 -10.87 8.92
CA VAL A 416 -6.56 -11.39 10.15
C VAL A 416 -7.98 -10.90 10.39
N ILE A 417 -8.28 -9.66 9.98
CA ILE A 417 -9.66 -9.22 10.07
C ILE A 417 -10.55 -9.98 9.08
N ARG A 418 -10.05 -10.23 7.88
CA ARG A 418 -10.79 -11.09 6.98
C ARG A 418 -11.02 -12.49 7.63
N MET A 419 -9.98 -13.04 8.28
CA MET A 419 -10.16 -14.32 8.95
C MET A 419 -11.29 -14.25 9.96
N LEU A 420 -11.31 -13.18 10.73
CA LEU A 420 -12.28 -12.96 11.80
C LEU A 420 -13.70 -12.78 11.27
N SER A 421 -13.87 -12.00 10.23
CA SER A 421 -15.19 -11.86 9.62
C SER A 421 -15.73 -13.23 9.14
N ASN A 422 -14.83 -14.02 8.59
CA ASN A 422 -15.18 -15.32 8.03
C ASN A 422 -15.61 -16.38 9.06
N PHE A 423 -14.91 -16.47 10.20
CA PHE A 423 -15.33 -17.38 11.29
C PHE A 423 -16.51 -16.91 12.12
N LEU A 424 -16.75 -15.60 12.14
CA LEU A 424 -17.95 -15.06 12.73
C LEU A 424 -19.17 -15.10 11.80
N THR A 425 -18.92 -15.29 10.51
CA THR A 425 -19.84 -14.87 9.44
C THR A 425 -19.97 -13.33 9.33
N GLU A 426 -20.12 -12.89 8.09
CA GLU A 426 -20.06 -11.50 7.81
C GLU A 426 -21.23 -10.80 8.45
N ASP A 427 -22.39 -11.41 8.44
CA ASP A 427 -23.57 -10.78 9.03
C ASP A 427 -23.37 -10.50 10.49
N LEU A 428 -22.73 -11.42 11.20
CA LEU A 428 -22.45 -11.27 12.61
C LEU A 428 -21.34 -10.26 12.87
N PHE A 429 -20.32 -10.27 12.03
CA PHE A 429 -19.24 -9.29 12.07
C PHE A 429 -19.82 -7.88 11.90
N LYS A 430 -20.71 -7.72 10.94
CA LYS A 430 -21.37 -6.45 10.67
C LYS A 430 -22.13 -5.91 11.84
N GLU A 431 -22.83 -6.79 12.54
CA GLU A 431 -23.60 -6.37 13.69
C GLU A 431 -22.70 -5.81 14.79
N GLY A 432 -21.59 -6.47 15.04
CA GLY A 432 -20.70 -6.08 16.12
C GLY A 432 -19.99 -4.78 15.73
N LEU A 433 -19.69 -4.66 14.44
CA LEU A 433 -19.05 -3.49 13.89
C LEU A 433 -19.99 -2.25 13.94
N ALA A 434 -21.28 -2.44 13.62
CA ALA A 434 -22.27 -1.41 13.76
C ALA A 434 -22.39 -0.95 15.19
N SER A 435 -22.39 -1.93 16.10
CA SER A 435 -22.50 -1.64 17.50
C SER A 435 -21.28 -0.82 18.01
N TYR A 436 -20.10 -1.21 17.54
CA TYR A 436 -18.88 -0.52 17.86
C TYR A 436 -18.91 0.95 17.31
N LEU A 437 -19.33 1.11 16.06
CA LEU A 437 -19.36 2.43 15.43
C LEU A 437 -20.36 3.37 16.11
N HIS A 438 -21.57 2.86 16.43
CA HIS A 438 -22.51 3.68 17.20
C HIS A 438 -22.05 4.04 18.62
N ALA A 439 -21.46 3.09 19.34
CA ALA A 439 -21.05 3.34 20.73
C ALA A 439 -19.92 4.37 20.83
N PHE A 440 -19.05 4.43 19.82
CA PHE A 440 -17.82 5.20 19.89
C PHE A 440 -17.73 6.37 18.86
N ALA A 441 -18.84 6.67 18.17
CA ALA A 441 -18.87 7.78 17.20
C ALA A 441 -18.33 9.08 17.81
N TYR A 442 -17.42 9.73 17.10
CA TYR A 442 -16.79 10.98 17.54
C TYR A 442 -15.84 10.78 18.73
N GLN A 443 -15.46 9.53 18.99
CA GLN A 443 -14.58 9.21 20.12
C GLN A 443 -13.38 8.34 19.67
N ASN A 444 -12.72 7.68 20.62
CA ASN A 444 -11.50 6.96 20.30
C ASN A 444 -11.58 5.55 20.94
N THR A 445 -10.85 4.60 20.39
CA THR A 445 -10.92 3.23 20.86
C THR A 445 -9.56 2.57 20.92
N THR A 446 -9.50 1.40 21.56
CA THR A 446 -8.49 0.41 21.29
C THR A 446 -9.12 -0.83 20.65
N TYR A 447 -8.29 -1.71 20.11
CA TYR A 447 -8.74 -2.96 19.55
C TYR A 447 -9.56 -3.79 20.55
N LEU A 448 -9.29 -3.67 21.83
CA LEU A 448 -10.10 -4.31 22.85
C LEU A 448 -11.57 -3.90 22.75
N ASP A 449 -11.86 -2.66 22.31
CA ASP A 449 -13.22 -2.20 22.17
C ASP A 449 -13.96 -2.90 21.03
N LEU A 450 -13.28 -3.11 19.91
CA LEU A 450 -13.85 -3.89 18.83
C LEU A 450 -14.10 -5.38 19.26
N TRP A 451 -13.14 -5.98 19.94
CA TRP A 451 -13.32 -7.37 20.41
C TRP A 451 -14.59 -7.46 21.23
N GLU A 452 -14.76 -6.49 22.11
CA GLU A 452 -15.86 -6.49 23.04
C GLU A 452 -17.22 -6.43 22.34
N HIS A 453 -17.32 -5.54 21.36
CA HIS A 453 -18.57 -5.36 20.65
C HIS A 453 -18.89 -6.55 19.72
N LEU A 454 -17.85 -7.17 19.14
CA LEU A 454 -18.00 -8.47 18.46
C LEU A 454 -18.46 -9.58 19.43
N GLN A 455 -17.91 -9.60 20.62
CA GLN A 455 -18.34 -10.55 21.65
C GLN A 455 -19.81 -10.42 21.96
N LYS A 456 -20.27 -9.19 22.06
CA LYS A 456 -21.65 -8.91 22.35
C LYS A 456 -22.53 -9.51 21.29
N ALA A 457 -22.16 -9.31 20.05
CA ALA A 457 -22.92 -9.85 18.95
C ALA A 457 -22.86 -11.42 18.97
N VAL A 458 -21.68 -12.01 19.17
CA VAL A 458 -21.59 -13.44 19.41
C VAL A 458 -22.54 -13.87 20.55
N ASP A 459 -22.52 -13.17 21.67
CA ASP A 459 -23.29 -13.58 22.80
C ASP A 459 -24.79 -13.44 22.58
N ALA A 460 -25.17 -12.54 21.66
CA ALA A 460 -26.56 -12.29 21.40
C ALA A 460 -27.18 -13.30 20.40
N GLN A 461 -26.44 -14.34 20.03
CA GLN A 461 -26.98 -15.36 19.14
C GLN A 461 -26.51 -16.80 19.50
N THR A 462 -27.04 -17.77 18.77
CA THR A 462 -26.86 -19.18 19.11
C THR A 462 -26.33 -20.08 18.00
N SER A 463 -26.12 -19.53 16.84
CA SER A 463 -25.76 -20.29 15.62
C SER A 463 -24.26 -20.49 15.57
N ILE A 464 -23.51 -19.39 15.73
CA ILE A 464 -22.07 -19.42 15.69
C ILE A 464 -21.53 -19.68 17.08
N ARG A 465 -20.77 -20.78 17.20
CA ARG A 465 -20.17 -21.16 18.49
C ARG A 465 -18.67 -21.14 18.32
N LEU A 466 -17.97 -20.54 19.25
CA LEU A 466 -16.52 -20.42 19.18
C LEU A 466 -15.85 -21.24 20.27
N PRO A 467 -14.59 -21.62 20.05
CA PRO A 467 -13.86 -22.42 21.04
C PRO A 467 -13.41 -21.62 22.24
N ASP A 468 -13.45 -20.28 22.12
CA ASP A 468 -13.07 -19.38 23.21
C ASP A 468 -13.69 -17.98 22.88
N THR A 469 -13.45 -17.00 23.75
CA THR A 469 -13.85 -15.63 23.52
C THR A 469 -13.16 -15.05 22.27
N VAL A 470 -13.80 -14.09 21.63
CA VAL A 470 -13.19 -13.37 20.50
C VAL A 470 -11.76 -12.87 20.84
N ARG A 471 -11.67 -12.25 22.00
CA ARG A 471 -10.41 -11.71 22.50
C ARG A 471 -9.33 -12.81 22.64
N ALA A 472 -9.67 -13.92 23.28
CA ALA A 472 -8.70 -15.02 23.44
C ALA A 472 -8.18 -15.53 22.11
N ILE A 473 -9.08 -15.61 21.12
CA ILE A 473 -8.71 -16.06 19.81
C ILE A 473 -7.85 -15.01 19.12
N MET A 474 -8.33 -13.76 19.07
CA MET A 474 -7.60 -12.74 18.35
C MET A 474 -6.26 -12.39 19.00
N ASP A 475 -6.15 -12.55 20.32
CA ASP A 475 -4.86 -12.48 20.98
C ASP A 475 -3.79 -13.37 20.36
N ARG A 476 -4.14 -14.59 19.95
CA ARG A 476 -3.15 -15.44 19.28
C ARG A 476 -2.57 -14.76 18.02
N TRP A 477 -3.40 -13.96 17.36
CA TRP A 477 -3.06 -13.47 16.02
C TRP A 477 -2.53 -12.01 16.01
N THR A 478 -2.61 -11.38 17.17
CA THR A 478 -2.24 -9.98 17.31
C THR A 478 -1.05 -9.73 18.27
N LEU A 479 -0.90 -10.53 19.32
CA LEU A 479 0.20 -10.38 20.27
C LEU A 479 1.50 -11.10 19.95
N GLN A 480 1.44 -12.16 19.18
CA GLN A 480 2.65 -12.83 18.72
C GLN A 480 2.78 -12.58 17.23
N MET A 481 4.00 -12.66 16.72
CA MET A 481 4.26 -12.45 15.30
C MET A 481 4.06 -13.75 14.55
N GLY A 482 4.01 -13.64 13.23
CA GLY A 482 4.06 -14.79 12.37
C GLY A 482 2.77 -15.59 12.33
N PHE A 483 2.86 -16.79 11.75
CA PHE A 483 1.72 -17.62 11.54
C PHE A 483 2.16 -19.13 11.53
N PRO A 484 1.21 -20.05 11.72
CA PRO A 484 1.54 -21.48 11.67
C PRO A 484 1.52 -22.06 10.27
N VAL A 485 2.39 -23.05 10.02
CA VAL A 485 2.08 -24.05 9.00
C VAL A 485 1.24 -25.14 9.69
N ILE A 486 0.19 -25.56 9.02
CA ILE A 486 -0.64 -26.63 9.51
C ILE A 486 -0.33 -27.84 8.63
N THR A 487 0.02 -28.94 9.28
CA THR A 487 0.48 -30.16 8.57
C THR A 487 -0.52 -31.26 8.87
N VAL A 488 -1.02 -31.91 7.82
CA VAL A 488 -1.98 -33.00 7.95
C VAL A 488 -1.47 -34.33 7.35
N ASP A 489 -1.38 -35.36 8.19
CA ASP A 489 -1.16 -36.75 7.73
C ASP A 489 -2.52 -37.39 7.53
N THR A 490 -2.98 -37.45 6.26
CA THR A 490 -4.32 -37.88 5.95
C THR A 490 -4.54 -39.39 6.11
N LYS A 491 -3.44 -40.13 6.24
CA LYS A 491 -3.54 -41.56 6.54
C LYS A 491 -4.14 -41.78 7.92
N THR A 492 -3.90 -40.84 8.84
CA THR A 492 -4.40 -40.97 10.21
C THR A 492 -5.36 -39.86 10.64
N GLY A 493 -5.33 -38.73 9.97
CA GLY A 493 -6.11 -37.56 10.42
C GLY A 493 -5.49 -36.75 11.54
N ASN A 494 -4.23 -37.03 11.86
CA ASN A 494 -3.43 -36.22 12.78
C ASN A 494 -3.13 -34.84 12.16
N ILE A 495 -3.20 -33.81 13.00
CA ILE A 495 -3.08 -32.45 12.50
C ILE A 495 -2.26 -31.63 13.50
N SER A 496 -1.17 -31.07 12.99
CA SER A 496 -0.26 -30.32 13.86
C SER A 496 -0.08 -28.83 13.37
N GLN A 497 0.35 -28.00 14.28
CA GLN A 497 0.72 -26.61 13.93
C GLN A 497 2.12 -26.34 14.45
N LYS A 498 2.94 -25.68 13.63
CA LYS A 498 4.17 -25.02 14.14
C LYS A 498 4.35 -23.62 13.47
N HIS A 499 5.01 -22.73 14.21
CA HIS A 499 5.39 -21.42 13.74
C HIS A 499 6.21 -21.53 12.47
N PHE A 500 5.76 -20.91 11.40
CA PHE A 500 6.35 -21.15 10.08
C PHE A 500 7.41 -20.15 9.72
N LEU A 501 8.61 -20.65 9.41
CA LEU A 501 9.72 -19.85 8.87
C LEU A 501 10.21 -20.35 7.55
N LEU A 502 10.51 -19.45 6.64
CA LEU A 502 11.06 -19.82 5.33
C LEU A 502 12.47 -20.37 5.44
N ASP A 503 13.23 -19.85 6.39
CA ASP A 503 14.56 -20.36 6.69
C ASP A 503 14.49 -21.43 7.80
N SER A 504 14.68 -22.66 7.41
CA SER A 504 14.60 -23.84 8.33
C SER A 504 15.66 -23.78 9.45
N GLU A 505 16.66 -22.90 9.28
CA GLU A 505 17.78 -22.79 10.22
C GLU A 505 17.72 -21.57 11.11
N SER A 506 16.68 -20.74 10.93
CA SER A 506 16.57 -19.47 11.64
C SER A 506 16.43 -19.67 13.13
N ASN A 507 17.08 -18.81 13.93
CA ASN A 507 16.71 -18.70 15.33
C ASN A 507 15.74 -17.57 15.57
N VAL A 508 14.54 -17.95 15.99
CA VAL A 508 13.59 -17.00 16.52
C VAL A 508 14.06 -16.66 17.92
N THR A 509 14.22 -15.35 18.17
CA THR A 509 14.66 -14.86 19.47
C THR A 509 13.57 -14.09 20.15
N ARG A 510 12.57 -13.62 19.39
CA ARG A 510 11.42 -12.95 19.98
C ARG A 510 10.53 -13.98 20.65
N SER A 511 10.32 -13.83 21.97
CA SER A 511 9.55 -14.81 22.73
C SER A 511 8.06 -14.54 22.54
N SER A 512 7.23 -15.58 22.66
CA SER A 512 5.77 -15.38 22.68
C SER A 512 5.13 -15.88 23.98
N ALA A 513 4.17 -15.10 24.47
CA ALA A 513 3.27 -15.54 25.53
C ALA A 513 2.70 -16.95 25.26
N PHE A 514 2.48 -17.28 23.99
CA PHE A 514 1.76 -18.52 23.67
C PHE A 514 2.61 -19.63 23.10
N ASP A 515 3.94 -19.48 23.17
CA ASP A 515 4.85 -20.45 22.62
C ASP A 515 4.53 -20.70 21.14
N TYR A 516 4.15 -19.63 20.45
CA TYR A 516 3.86 -19.74 19.03
C TYR A 516 2.89 -20.87 18.75
N LEU A 517 1.82 -20.87 19.53
CA LEU A 517 0.65 -21.69 19.28
C LEU A 517 -0.54 -20.78 19.03
N TRP A 518 -1.36 -21.14 18.05
CA TRP A 518 -2.52 -20.34 17.67
C TRP A 518 -3.81 -21.13 17.93
N ILE A 519 -4.92 -20.45 18.05
CA ILE A 519 -6.24 -21.04 17.91
C ILE A 519 -6.72 -20.81 16.47
N VAL A 520 -6.87 -21.88 15.70
CA VAL A 520 -6.90 -21.80 14.27
C VAL A 520 -8.24 -22.26 13.70
N PRO A 521 -8.96 -21.38 13.00
CA PRO A 521 -10.15 -21.80 12.27
C PRO A 521 -9.82 -22.56 11.00
N ILE A 522 -10.34 -23.79 10.89
CA ILE A 522 -9.97 -24.63 9.76
C ILE A 522 -11.20 -25.10 9.01
N SER A 523 -11.35 -24.60 7.78
CA SER A 523 -12.30 -25.13 6.85
C SER A 523 -11.60 -26.20 6.00
N SER A 524 -12.37 -27.11 5.46
CA SER A 524 -11.82 -28.20 4.65
C SER A 524 -12.82 -28.66 3.61
N ILE A 525 -12.30 -29.00 2.42
CA ILE A 525 -13.09 -29.61 1.37
C ILE A 525 -12.59 -31.05 1.22
N LYS A 526 -13.50 -32.00 1.09
CA LYS A 526 -13.12 -33.37 0.76
C LYS A 526 -13.82 -33.83 -0.50
N ASN A 527 -13.05 -34.36 -1.45
CA ASN A 527 -13.58 -34.73 -2.79
C ASN A 527 -14.51 -33.68 -3.37
N GLY A 528 -14.18 -32.41 -3.13
CA GLY A 528 -14.89 -31.30 -3.76
C GLY A 528 -16.16 -30.94 -3.05
N VAL A 529 -16.32 -31.43 -1.81
CA VAL A 529 -17.52 -31.21 -1.02
C VAL A 529 -17.20 -30.64 0.35
N MET A 530 -17.81 -29.51 0.68
CA MET A 530 -17.52 -28.79 1.92
C MET A 530 -17.68 -29.67 3.15
N GLN A 531 -16.72 -29.63 4.06
CA GLN A 531 -16.81 -30.38 5.30
C GLN A 531 -17.22 -29.47 6.44
N ASP A 532 -17.60 -30.06 7.55
CA ASP A 532 -17.87 -29.27 8.74
C ASP A 532 -16.64 -28.52 9.19
N HIS A 533 -16.88 -27.39 9.82
CA HIS A 533 -15.82 -26.52 10.28
C HIS A 533 -15.14 -27.09 11.51
N TYR A 534 -13.83 -26.86 11.59
CA TYR A 534 -13.02 -27.36 12.70
C TYR A 534 -12.19 -26.23 13.30
N TRP A 535 -12.01 -26.27 14.62
CA TRP A 535 -11.03 -25.43 15.28
C TRP A 535 -9.84 -26.23 15.84
N LEU A 536 -8.64 -25.92 15.39
CA LEU A 536 -7.44 -26.35 16.09
C LEU A 536 -7.27 -25.50 17.35
N ARG A 537 -7.37 -26.11 18.49
CA ARG A 537 -7.09 -25.45 19.75
C ARG A 537 -5.59 -25.14 19.92
N ASP A 538 -5.24 -24.50 21.04
CA ASP A 538 -3.87 -24.11 21.26
C ASP A 538 -3.00 -25.29 21.72
N VAL A 539 -2.87 -26.29 20.84
CA VAL A 539 -2.05 -27.46 21.12
C VAL A 539 -1.20 -27.80 19.88
N SER A 540 0.00 -28.33 20.10
CA SER A 540 0.89 -28.77 19.01
C SER A 540 0.20 -29.73 18.10
N GLN A 541 -0.49 -30.68 18.70
CA GLN A 541 -1.09 -31.73 17.92
C GLN A 541 -2.46 -32.15 18.32
N ALA A 542 -3.22 -32.52 17.33
CA ALA A 542 -4.53 -33.10 17.58
C ALA A 542 -4.93 -34.07 16.45
N GLN A 543 -6.12 -34.63 16.55
CA GLN A 543 -6.57 -35.61 15.62
C GLN A 543 -8.04 -35.42 15.35
N ASN A 544 -8.39 -35.41 14.07
CA ASN A 544 -9.78 -35.49 13.70
C ASN A 544 -10.01 -36.24 12.39
N ASP A 545 -11.08 -37.04 12.38
CA ASP A 545 -11.45 -37.86 11.21
C ASP A 545 -11.82 -37.03 9.99
N LEU A 546 -12.21 -35.76 10.24
CA LEU A 546 -12.30 -34.80 9.17
C LEU A 546 -11.09 -34.79 8.22
N PHE A 547 -9.93 -35.19 8.75
CA PHE A 547 -8.68 -35.10 8.01
C PHE A 547 -8.09 -36.46 7.66
N LYS A 548 -8.89 -37.50 7.86
CA LYS A 548 -8.51 -38.86 7.55
C LYS A 548 -9.08 -39.16 6.17
N THR A 549 -8.27 -39.73 5.30
CA THR A 549 -8.73 -40.02 3.95
C THR A 549 -8.70 -41.54 3.69
N ALA A 550 -9.51 -41.99 2.74
CA ALA A 550 -9.26 -43.32 2.12
C ALA A 550 -8.13 -43.16 1.10
N SER A 551 -7.85 -44.20 0.36
CA SER A 551 -6.72 -44.18 -0.56
C SER A 551 -7.02 -43.32 -1.79
N ASP A 552 -8.23 -43.46 -2.34
CA ASP A 552 -8.59 -42.76 -3.59
C ASP A 552 -9.38 -41.49 -3.29
N ASP A 553 -9.25 -40.97 -2.06
CA ASP A 553 -9.92 -39.74 -1.70
C ASP A 553 -8.88 -38.68 -1.35
N TRP A 554 -9.32 -37.43 -1.40
CA TRP A 554 -8.45 -36.34 -1.00
C TRP A 554 -9.15 -35.31 -0.11
N VAL A 555 -8.32 -34.63 0.67
CA VAL A 555 -8.76 -33.61 1.58
C VAL A 555 -7.89 -32.35 1.41
N LEU A 556 -8.51 -31.21 1.60
CA LEU A 556 -7.83 -29.94 1.34
C LEU A 556 -8.30 -28.91 2.33
N LEU A 557 -7.38 -28.27 3.01
CA LEU A 557 -7.70 -27.40 4.14
C LEU A 557 -7.64 -25.91 3.75
N ASN A 558 -8.40 -25.10 4.47
CA ASN A 558 -8.39 -23.65 4.34
C ASN A 558 -9.04 -23.16 3.04
N VAL A 559 -10.34 -23.39 2.95
CA VAL A 559 -11.05 -23.04 1.72
C VAL A 559 -10.90 -21.53 1.47
N ASN A 560 -10.52 -21.17 0.25
CA ASN A 560 -10.36 -19.79 -0.15
C ASN A 560 -9.31 -19.00 0.64
N VAL A 561 -8.44 -19.71 1.35
CA VAL A 561 -7.40 -19.11 2.19
C VAL A 561 -7.96 -17.93 3.01
N THR A 562 -9.10 -18.17 3.67
CA THR A 562 -9.67 -17.22 4.61
C THR A 562 -8.85 -17.20 5.90
N GLY A 563 -8.14 -18.31 6.17
CA GLY A 563 -7.34 -18.42 7.39
C GLY A 563 -5.92 -17.99 7.14
N TYR A 564 -5.35 -17.26 8.11
CA TYR A 564 -3.99 -16.75 7.99
C TYR A 564 -2.97 -17.86 8.33
N PHE A 565 -2.94 -18.89 7.49
CA PHE A 565 -1.95 -19.98 7.65
C PHE A 565 -1.65 -20.67 6.35
N GLN A 566 -0.57 -21.46 6.31
CA GLN A 566 -0.28 -22.32 5.18
C GLN A 566 -0.46 -23.81 5.53
N VAL A 567 -0.72 -24.64 4.51
CA VAL A 567 -1.05 -26.05 4.73
C VAL A 567 -0.05 -26.96 4.02
N ASN A 568 0.44 -27.95 4.75
CA ASN A 568 1.18 -29.06 4.17
C ASN A 568 0.45 -30.39 4.43
N TYR A 569 0.69 -31.35 3.54
CA TYR A 569 0.14 -32.69 3.65
C TYR A 569 1.25 -33.74 3.55
N ASP A 570 0.93 -35.00 3.88
CA ASP A 570 1.73 -36.14 3.45
C ASP A 570 1.74 -36.19 1.91
N GLU A 571 2.67 -36.94 1.35
CA GLU A 571 2.87 -36.99 -0.10
C GLU A 571 1.70 -37.59 -0.88
N ASP A 572 1.05 -38.57 -0.27
CA ASP A 572 -0.07 -39.24 -0.93
C ASP A 572 -1.18 -38.25 -1.20
N ASN A 573 -1.60 -37.60 -0.15
CA ASN A 573 -2.65 -36.54 -0.30
C ASN A 573 -2.30 -35.48 -1.36
N TRP A 574 -1.05 -35.04 -1.41
CA TRP A 574 -0.61 -34.13 -2.47
C TRP A 574 -0.90 -34.68 -3.87
N ARG A 575 -0.51 -35.92 -4.11
CA ARG A 575 -0.68 -36.55 -5.41
C ARG A 575 -2.13 -36.64 -5.86
N MET A 576 -3.02 -36.92 -4.91
CA MET A 576 -4.45 -37.02 -5.23
C MET A 576 -4.99 -35.68 -5.67
N ILE A 577 -4.60 -34.63 -4.92
CA ILE A 577 -4.92 -33.28 -5.32
C ILE A 577 -4.38 -33.01 -6.73
N GLN A 578 -3.08 -33.25 -6.90
CA GLN A 578 -2.45 -33.20 -8.24
C GLN A 578 -3.26 -33.91 -9.32
N HIS A 579 -3.68 -35.15 -9.07
CA HIS A 579 -4.43 -35.92 -10.07
C HIS A 579 -5.81 -35.30 -10.27
N GLN A 580 -6.42 -34.85 -9.18
CA GLN A 580 -7.66 -34.11 -9.28
C GLN A 580 -7.55 -32.88 -10.19
N LEU A 581 -6.45 -32.13 -10.05
CA LEU A 581 -6.23 -30.94 -10.87
C LEU A 581 -5.95 -31.32 -12.32
N GLN A 582 -5.18 -32.40 -12.52
CA GLN A 582 -5.10 -33.07 -13.81
C GLN A 582 -6.47 -33.30 -14.49
N THR A 583 -7.38 -34.01 -13.80
CA THR A 583 -8.52 -34.64 -14.47
C THR A 583 -9.81 -33.80 -14.49
N ASN A 584 -10.11 -33.13 -13.40
CA ASN A 584 -11.16 -32.11 -13.39
C ASN A 584 -10.83 -31.05 -12.30
N LEU A 585 -10.10 -30.02 -12.69
CA LEU A 585 -9.67 -28.97 -11.74
C LEU A 585 -10.82 -28.14 -11.18
N SER A 586 -11.93 -28.12 -11.90
CA SER A 586 -13.13 -27.41 -11.48
C SER A 586 -13.66 -27.85 -10.13
N VAL A 587 -13.29 -29.05 -9.69
CA VAL A 587 -13.76 -29.55 -8.40
C VAL A 587 -13.18 -28.73 -7.23
N ILE A 588 -12.13 -27.96 -7.51
CA ILE A 588 -11.37 -27.29 -6.45
C ILE A 588 -11.40 -25.79 -6.69
N PRO A 589 -11.81 -25.03 -5.66
CA PRO A 589 -12.02 -23.58 -5.87
C PRO A 589 -10.75 -22.93 -6.38
N VAL A 590 -10.90 -22.09 -7.39
CA VAL A 590 -9.77 -21.41 -8.02
C VAL A 590 -8.76 -20.86 -6.97
N ILE A 591 -9.23 -20.24 -5.91
CA ILE A 591 -8.33 -19.69 -4.92
C ILE A 591 -7.43 -20.79 -4.34
N ASN A 592 -8.03 -21.94 -4.04
CA ASN A 592 -7.25 -23.07 -3.54
C ASN A 592 -6.33 -23.72 -4.58
N ARG A 593 -6.74 -23.70 -5.83
CA ARG A 593 -5.83 -24.07 -6.91
C ARG A 593 -4.57 -23.21 -6.82
N ALA A 594 -4.70 -21.96 -6.40
CA ALA A 594 -3.54 -21.08 -6.27
C ALA A 594 -2.79 -21.38 -5.00
N GLN A 595 -3.55 -21.70 -3.93
CA GLN A 595 -3.00 -21.98 -2.63
C GLN A 595 -1.95 -23.10 -2.69
N VAL A 596 -2.34 -24.15 -3.41
CA VAL A 596 -1.52 -25.36 -3.61
C VAL A 596 -0.16 -24.98 -4.15
N ILE A 597 -0.16 -24.08 -5.12
CA ILE A 597 1.09 -23.56 -5.65
C ILE A 597 1.84 -22.64 -4.67
N TYR A 598 1.15 -21.68 -4.04
CA TYR A 598 1.80 -20.75 -3.14
C TYR A 598 2.42 -21.45 -1.93
N ASP A 599 1.64 -22.27 -1.27
CA ASP A 599 2.08 -22.97 -0.08
C ASP A 599 3.26 -23.92 -0.31
N SER A 600 3.17 -24.73 -1.35
CA SER A 600 4.19 -25.75 -1.59
C SER A 600 5.54 -25.16 -1.96
N PHE A 601 5.54 -24.06 -2.69
CA PHE A 601 6.82 -23.37 -2.97
C PHE A 601 7.40 -22.77 -1.72
N ASN A 602 6.55 -22.27 -0.83
CA ASN A 602 7.02 -21.77 0.46
C ASN A 602 7.54 -22.91 1.34
N LEU A 603 6.79 -24.01 1.38
CA LEU A 603 7.19 -25.20 2.12
C LEU A 603 8.52 -25.81 1.61
N ALA A 604 8.64 -25.95 0.30
CA ALA A 604 9.89 -26.31 -0.32
C ALA A 604 11.03 -25.43 0.16
N THR A 605 10.81 -24.11 0.19
CA THR A 605 11.82 -23.19 0.68
C THR A 605 12.20 -23.51 2.12
N ALA A 606 11.19 -23.76 2.94
CA ALA A 606 11.39 -24.10 4.36
C ALA A 606 11.87 -25.53 4.55
N HIS A 607 12.11 -26.23 3.44
CA HIS A 607 12.62 -27.63 3.45
C HIS A 607 11.62 -28.67 3.97
N MET A 608 10.33 -28.36 3.83
CA MET A 608 9.26 -29.20 4.36
C MET A 608 8.59 -30.03 3.28
N VAL A 609 8.81 -29.68 2.03
CA VAL A 609 8.57 -30.57 0.89
C VAL A 609 9.76 -30.47 -0.05
N PRO A 610 9.97 -31.48 -0.91
CA PRO A 610 11.00 -31.30 -1.94
C PRO A 610 10.51 -30.36 -3.06
N VAL A 611 11.43 -29.55 -3.57
CA VAL A 611 11.12 -28.59 -4.59
C VAL A 611 10.38 -29.22 -5.77
N THR A 612 10.68 -30.50 -6.08
CA THR A 612 9.99 -31.20 -7.14
C THR A 612 8.49 -31.38 -6.88
N LEU A 613 8.12 -31.52 -5.61
CA LEU A 613 6.69 -31.59 -5.26
C LEU A 613 5.99 -30.27 -5.62
N ALA A 614 6.63 -29.15 -5.30
CA ALA A 614 6.16 -27.81 -5.70
C ALA A 614 6.04 -27.67 -7.22
N LEU A 615 7.03 -28.16 -7.95
CA LEU A 615 6.98 -28.10 -9.41
C LEU A 615 5.86 -28.99 -9.99
N ASP A 616 5.75 -30.23 -9.49
CA ASP A 616 4.62 -31.09 -9.80
C ASP A 616 3.28 -30.37 -9.68
N ASN A 617 3.20 -29.47 -8.69
CA ASN A 617 1.97 -28.70 -8.46
C ASN A 617 1.69 -27.65 -9.55
N THR A 618 2.66 -27.44 -10.44
CA THR A 618 2.46 -26.58 -11.60
C THR A 618 1.96 -27.31 -12.83
N LEU A 619 2.03 -28.65 -12.79
CA LEU A 619 1.78 -29.48 -13.98
C LEU A 619 0.39 -29.31 -14.54
N PHE A 620 -0.58 -29.13 -13.65
CA PHE A 620 -1.97 -28.99 -14.10
C PHE A 620 -2.23 -27.72 -14.91
N LEU A 621 -1.27 -26.79 -14.89
CA LEU A 621 -1.53 -25.46 -15.44
C LEU A 621 -1.84 -25.45 -16.92
N ASN A 622 -1.45 -26.52 -17.62
CA ASN A 622 -1.70 -26.58 -19.07
C ASN A 622 -3.19 -26.54 -19.44
N GLY A 623 -4.07 -26.90 -18.52
CA GLY A 623 -5.50 -26.78 -18.76
C GLY A 623 -6.20 -25.74 -17.90
N GLU A 624 -5.40 -24.87 -17.29
CA GLU A 624 -5.93 -23.84 -16.40
C GLU A 624 -6.20 -22.54 -17.16
N LYS A 625 -7.42 -22.04 -17.08
CA LYS A 625 -7.75 -20.76 -17.74
C LYS A 625 -7.62 -19.57 -16.78
N GLU A 626 -7.77 -19.83 -15.48
CA GLU A 626 -8.04 -18.73 -14.55
C GLU A 626 -6.78 -18.00 -14.05
N TYR A 627 -6.97 -16.73 -13.71
CA TYR A 627 -5.87 -15.86 -13.45
C TYR A 627 -5.02 -16.38 -12.30
N MET A 628 -5.65 -16.63 -11.17
CA MET A 628 -4.91 -16.72 -9.93
C MET A 628 -3.87 -17.86 -9.83
N PRO A 629 -4.27 -19.07 -10.24
CA PRO A 629 -3.30 -20.15 -10.12
C PRO A 629 -2.08 -19.88 -10.97
N TRP A 630 -2.29 -19.30 -12.16
CA TRP A 630 -1.16 -18.92 -13.02
C TRP A 630 -0.29 -17.88 -12.33
N GLN A 631 -0.94 -16.95 -11.64
CA GLN A 631 -0.23 -15.88 -10.96
C GLN A 631 0.60 -16.46 -9.85
N ALA A 632 0.02 -17.43 -9.13
CA ALA A 632 0.76 -18.13 -8.07
C ALA A 632 2.02 -18.74 -8.63
N ALA A 633 1.90 -19.38 -9.79
CA ALA A 633 3.03 -19.99 -10.46
C ALA A 633 4.06 -18.93 -10.84
N LEU A 634 3.60 -17.89 -11.54
CA LEU A 634 4.54 -16.90 -12.04
C LEU A 634 5.28 -16.21 -10.88
N SER A 635 4.61 -16.00 -9.75
CA SER A 635 5.21 -15.33 -8.61
C SER A 635 6.25 -16.21 -7.95
N SER A 636 5.94 -17.49 -7.86
CA SER A 636 6.83 -18.46 -7.20
C SER A 636 8.03 -18.81 -8.04
N LEU A 637 7.91 -18.66 -9.35
CA LEU A 637 8.99 -19.05 -10.25
C LEU A 637 9.97 -17.92 -10.56
N SER A 638 9.55 -16.68 -10.34
CA SER A 638 10.39 -15.55 -10.77
C SER A 638 11.77 -15.60 -10.14
N TYR A 639 11.86 -16.16 -8.92
CA TYR A 639 13.15 -16.40 -8.26
C TYR A 639 13.98 -17.48 -8.99
N PHE A 640 13.30 -18.48 -9.52
CA PHE A 640 13.96 -19.52 -10.32
C PHE A 640 14.52 -18.89 -11.60
N SER A 641 13.76 -17.96 -12.15
CA SER A 641 14.22 -17.18 -13.28
C SER A 641 15.47 -16.36 -12.92
N LEU A 642 15.39 -15.63 -11.80
CA LEU A 642 16.50 -14.85 -11.33
C LEU A 642 17.73 -15.70 -11.20
N MET A 643 17.54 -16.87 -10.65
CA MET A 643 18.70 -17.71 -10.31
C MET A 643 19.28 -18.42 -11.52
N PHE A 644 18.44 -18.78 -12.48
CA PHE A 644 18.83 -19.75 -13.50
C PHE A 644 18.90 -19.22 -14.93
N ASP A 645 18.49 -17.99 -15.18
CA ASP A 645 18.39 -17.53 -16.58
C ASP A 645 19.74 -17.27 -17.25
N ARG A 646 20.85 -17.49 -16.53
CA ARG A 646 22.16 -17.50 -17.17
C ARG A 646 22.81 -18.89 -17.17
N SER A 647 22.02 -19.91 -16.88
CA SER A 647 22.53 -21.23 -16.64
C SER A 647 21.90 -22.24 -17.59
N GLU A 648 22.54 -23.39 -17.71
CA GLU A 648 22.00 -24.56 -18.41
C GLU A 648 20.55 -24.90 -18.06
N VAL A 649 20.12 -24.52 -16.88
CA VAL A 649 18.75 -24.76 -16.45
C VAL A 649 17.70 -24.05 -17.32
N TYR A 650 18.08 -22.92 -17.91
CA TYR A 650 17.07 -22.01 -18.43
C TYR A 650 16.35 -22.59 -19.63
N GLY A 651 17.07 -23.32 -20.49
CA GLY A 651 16.47 -23.82 -21.73
C GLY A 651 15.31 -24.76 -21.45
N PRO A 652 15.55 -25.76 -20.58
CA PRO A 652 14.52 -26.62 -20.06
C PRO A 652 13.37 -25.86 -19.37
N MET A 653 13.70 -24.83 -18.63
CA MET A 653 12.68 -24.01 -17.98
C MET A 653 11.77 -23.33 -19.00
N LYS A 654 12.33 -22.52 -19.89
CA LYS A 654 11.56 -21.87 -20.95
C LYS A 654 10.72 -22.86 -21.72
N LYS A 655 11.34 -23.98 -22.07
CA LYS A 655 10.65 -24.98 -22.85
C LYS A 655 9.44 -25.53 -22.08
N TYR A 656 9.64 -25.80 -20.78
CA TYR A 656 8.54 -26.22 -19.92
C TYR A 656 7.40 -25.20 -19.91
N LEU A 657 7.76 -23.93 -19.77
CA LEU A 657 6.73 -22.87 -19.64
C LEU A 657 6.01 -22.61 -20.95
N ARG A 658 6.75 -22.59 -22.06
CA ARG A 658 6.15 -22.67 -23.41
C ARG A 658 5.08 -23.79 -23.50
N LYS A 659 5.46 -24.98 -23.08
CA LYS A 659 4.55 -26.11 -23.08
C LYS A 659 3.29 -25.76 -22.28
N GLN A 660 3.48 -25.29 -21.06
CA GLN A 660 2.35 -25.09 -20.15
C GLN A 660 1.40 -23.99 -20.61
N VAL A 661 1.95 -22.97 -21.26
CA VAL A 661 1.18 -21.76 -21.53
C VAL A 661 0.57 -21.71 -22.93
N GLU A 662 1.10 -22.52 -23.85
CA GLU A 662 0.67 -22.46 -25.24
C GLU A 662 -0.84 -22.59 -25.39
N PRO A 663 -1.47 -23.52 -24.65
CA PRO A 663 -2.92 -23.69 -24.78
C PRO A 663 -3.74 -22.49 -24.26
N LEU A 664 -3.33 -21.94 -23.11
CA LEU A 664 -3.86 -20.67 -22.69
C LEU A 664 -3.76 -19.60 -23.78
N PHE A 665 -2.59 -19.53 -24.45
CA PHE A 665 -2.41 -18.58 -25.53
C PHE A 665 -3.39 -18.86 -26.65
N GLN A 666 -3.51 -20.12 -27.02
CA GLN A 666 -4.44 -20.54 -28.05
C GLN A 666 -5.86 -20.24 -27.63
N HIS A 667 -6.17 -20.48 -26.36
CA HIS A 667 -7.50 -20.23 -25.83
C HIS A 667 -7.90 -18.77 -26.04
N PHE A 668 -6.99 -17.86 -25.71
CA PHE A 668 -7.29 -16.42 -25.78
C PHE A 668 -7.31 -15.96 -27.24
N GLU A 669 -6.47 -16.57 -28.05
CA GLU A 669 -6.47 -16.29 -29.49
C GLU A 669 -7.85 -16.49 -30.12
N THR A 670 -8.51 -17.58 -29.72
CA THR A 670 -9.88 -17.84 -30.16
C THR A 670 -10.84 -16.88 -29.46
N LEU A 671 -10.88 -16.94 -28.12
CA LEU A 671 -11.80 -16.12 -27.33
C LEU A 671 -11.79 -14.65 -27.74
N THR A 672 -10.62 -14.07 -27.83
CA THR A 672 -10.50 -12.63 -28.16
C THR A 672 -10.67 -12.32 -29.63
N LYS A 673 -11.26 -13.26 -30.38
CA LYS A 673 -11.49 -13.08 -31.82
C LYS A 673 -10.25 -12.53 -32.50
N ASN A 674 -9.19 -13.30 -32.47
CA ASN A 674 -7.91 -12.91 -33.05
C ASN A 674 -7.32 -11.70 -32.40
N TRP A 675 -7.68 -11.49 -31.16
CA TRP A 675 -7.11 -10.42 -30.33
C TRP A 675 -7.77 -9.05 -30.55
N THR A 676 -8.81 -8.99 -31.38
CA THR A 676 -9.50 -7.71 -31.60
C THR A 676 -10.31 -7.22 -30.40
N GLU A 677 -10.84 -8.16 -29.62
CA GLU A 677 -11.62 -7.79 -28.42
C GLU A 677 -11.05 -8.42 -27.17
N ARG A 678 -11.09 -7.66 -26.06
CA ARG A 678 -10.63 -8.16 -24.80
C ARG A 678 -11.71 -9.03 -24.14
N PRO A 679 -11.30 -9.99 -23.32
CA PRO A 679 -12.23 -10.73 -22.45
C PRO A 679 -13.06 -9.81 -21.59
N GLU A 680 -14.12 -10.34 -21.00
CA GLU A 680 -15.20 -9.51 -20.45
C GLU A 680 -14.84 -8.95 -19.06
N ASN A 681 -14.64 -9.84 -18.10
CA ASN A 681 -14.44 -9.44 -16.70
C ASN A 681 -12.95 -9.27 -16.38
N LEU A 682 -12.68 -8.75 -15.20
CA LEU A 682 -11.31 -8.40 -14.78
C LEU A 682 -10.36 -9.60 -14.69
N MET A 683 -10.81 -10.68 -14.04
CA MET A 683 -10.01 -11.86 -13.81
C MET A 683 -9.54 -12.47 -15.14
N ASP A 684 -10.43 -12.54 -16.12
CA ASP A 684 -10.06 -13.15 -17.39
C ASP A 684 -9.13 -12.25 -18.17
N GLN A 685 -9.28 -10.93 -17.99
CA GLN A 685 -8.34 -9.96 -18.56
C GLN A 685 -6.96 -10.08 -17.91
N TYR A 686 -6.93 -10.18 -16.60
CA TYR A 686 -5.67 -10.43 -15.90
C TYR A 686 -5.02 -11.71 -16.43
N SER A 687 -5.79 -12.77 -16.61
CA SER A 687 -5.24 -14.02 -17.12
C SER A 687 -4.66 -13.83 -18.50
N GLU A 688 -5.39 -13.13 -19.38
CA GLU A 688 -4.91 -12.88 -20.73
C GLU A 688 -3.57 -12.13 -20.69
N ILE A 689 -3.50 -11.11 -19.84
CA ILE A 689 -2.28 -10.34 -19.71
C ILE A 689 -1.08 -11.20 -19.31
N ASN A 690 -1.24 -11.99 -18.24
CA ASN A 690 -0.20 -12.94 -17.80
C ASN A 690 0.19 -13.98 -18.87
N ALA A 691 -0.81 -14.60 -19.49
CA ALA A 691 -0.55 -15.60 -20.51
C ALA A 691 0.30 -15.03 -21.62
N ILE A 692 -0.02 -13.80 -22.05
CA ILE A 692 0.74 -13.18 -23.12
C ILE A 692 2.14 -12.84 -22.69
N SER A 693 2.27 -12.23 -21.51
CA SER A 693 3.59 -11.97 -20.94
C SER A 693 4.45 -13.26 -20.86
N THR A 694 3.87 -14.31 -20.30
CA THR A 694 4.57 -15.55 -20.08
C THR A 694 4.95 -16.23 -21.39
N ALA A 695 4.03 -16.28 -22.32
CA ALA A 695 4.30 -16.82 -23.63
C ALA A 695 5.45 -16.08 -24.27
N CYS A 696 5.33 -14.76 -24.31
CA CYS A 696 6.31 -13.93 -25.01
C CYS A 696 7.69 -13.98 -24.36
N SER A 697 7.74 -13.88 -23.04
CA SER A 697 9.02 -13.82 -22.36
C SER A 697 9.74 -15.18 -22.39
N ASN A 698 9.01 -16.24 -22.74
CA ASN A 698 9.56 -17.60 -22.80
C ASN A 698 9.87 -18.08 -24.24
N GLY A 699 9.45 -17.31 -25.22
CA GLY A 699 9.85 -17.56 -26.59
C GLY A 699 8.87 -18.41 -27.38
N LEU A 700 7.56 -18.25 -27.12
CA LEU A 700 6.52 -18.86 -27.95
C LEU A 700 6.35 -18.13 -29.29
N PRO A 701 6.85 -18.71 -30.39
CA PRO A 701 6.81 -17.99 -31.68
C PRO A 701 5.49 -17.29 -31.99
N GLN A 702 4.38 -17.90 -31.60
CA GLN A 702 3.05 -17.31 -31.84
C GLN A 702 2.90 -15.96 -31.14
N CYS A 703 3.42 -15.86 -29.92
CA CYS A 703 3.44 -14.56 -29.19
C CYS A 703 4.48 -13.60 -29.74
N GLU A 704 5.64 -14.13 -30.12
CA GLU A 704 6.66 -13.32 -30.77
C GLU A 704 6.15 -12.67 -32.07
N ASN A 705 5.37 -13.41 -32.86
CA ASN A 705 4.80 -12.89 -34.10
C ASN A 705 3.74 -11.81 -33.86
N LEU A 706 2.84 -12.07 -32.91
CA LEU A 706 1.84 -11.06 -32.49
C LEU A 706 2.53 -9.73 -32.16
N ALA A 707 3.56 -9.80 -31.32
CA ALA A 707 4.21 -8.61 -30.82
C ALA A 707 4.90 -7.83 -31.93
N LYS A 708 5.45 -8.55 -32.91
CA LYS A 708 6.12 -7.93 -34.05
C LYS A 708 5.10 -7.30 -34.99
N THR A 709 4.04 -8.04 -35.30
CA THR A 709 2.98 -7.54 -36.18
C THR A 709 2.40 -6.24 -35.60
N LEU A 710 2.02 -6.29 -34.34
CA LEU A 710 1.42 -5.12 -33.68
C LEU A 710 2.33 -3.90 -33.60
N PHE A 711 3.59 -4.10 -33.18
CA PHE A 711 4.53 -3.00 -33.09
C PHE A 711 4.90 -2.48 -34.47
N ASP A 712 4.96 -3.39 -35.45
CA ASP A 712 5.12 -2.98 -36.85
C ASP A 712 3.98 -2.08 -37.30
N GLN A 713 2.76 -2.53 -36.99
CA GLN A 713 1.56 -1.80 -37.37
C GLN A 713 1.57 -0.40 -36.77
N TRP A 714 1.91 -0.31 -35.48
CA TRP A 714 1.98 0.96 -34.79
C TRP A 714 3.02 1.89 -35.45
N MET A 715 4.19 1.36 -35.76
CA MET A 715 5.23 2.17 -36.38
C MET A 715 4.78 2.74 -37.74
N SER A 716 3.94 1.98 -38.45
CA SER A 716 3.43 2.44 -39.75
C SER A 716 2.27 3.41 -39.59
N ASP A 717 1.87 3.71 -38.35
CA ASP A 717 0.77 4.65 -38.08
C ASP A 717 0.82 5.10 -36.61
N PRO A 718 1.80 5.96 -36.27
CA PRO A 718 2.14 6.34 -34.88
C PRO A 718 1.00 7.01 -34.11
N GLU A 719 0.10 7.68 -34.84
CA GLU A 719 -1.00 8.40 -34.18
C GLU A 719 -2.11 7.45 -33.73
N ASN A 720 -2.20 6.28 -34.37
CA ASN A 720 -3.20 5.26 -33.98
C ASN A 720 -2.55 4.00 -33.42
N ASN A 721 -2.32 4.00 -32.11
CA ASN A 721 -1.73 2.85 -31.42
C ASN A 721 -2.67 1.63 -31.47
N PRO A 722 -2.22 0.55 -32.10
CA PRO A 722 -3.10 -0.59 -32.26
C PRO A 722 -3.14 -1.49 -31.05
N ILE A 723 -2.34 -1.18 -30.03
CA ILE A 723 -2.10 -2.12 -28.94
C ILE A 723 -2.91 -1.75 -27.72
N HIS A 724 -3.87 -2.60 -27.36
CA HIS A 724 -4.68 -2.35 -26.21
C HIS A 724 -3.80 -2.13 -24.97
N PRO A 725 -4.18 -1.18 -24.10
CA PRO A 725 -3.32 -0.85 -22.96
C PRO A 725 -3.01 -2.03 -22.03
N ASN A 726 -3.89 -3.02 -22.00
CA ASN A 726 -3.65 -4.23 -21.24
C ASN A 726 -2.37 -4.97 -21.69
N LEU A 727 -2.11 -4.97 -23.00
CA LEU A 727 -1.02 -5.76 -23.57
C LEU A 727 0.27 -4.95 -23.80
N ARG A 728 0.21 -3.67 -23.48
CA ARG A 728 1.27 -2.76 -23.95
C ARG A 728 2.68 -3.09 -23.47
N SER A 729 2.83 -3.36 -22.17
CA SER A 729 4.16 -3.55 -21.58
C SER A 729 4.86 -4.79 -22.17
N THR A 730 4.10 -5.86 -22.37
CA THR A 730 4.60 -7.05 -23.01
C THR A 730 4.92 -6.84 -24.49
N ILE A 731 3.93 -6.44 -25.26
CA ILE A 731 4.11 -6.26 -26.70
C ILE A 731 5.24 -5.31 -27.03
N TYR A 732 5.33 -4.20 -26.30
CA TYR A 732 6.44 -3.25 -26.46
C TYR A 732 7.76 -3.95 -26.20
N CYS A 733 7.81 -4.67 -25.09
CA CYS A 733 9.08 -5.23 -24.63
C CYS A 733 9.53 -6.30 -25.62
N ASN A 734 8.65 -7.23 -25.92
CA ASN A 734 8.99 -8.25 -26.90
C ASN A 734 9.40 -7.69 -28.24
N ALA A 735 8.66 -6.72 -28.75
CA ALA A 735 8.96 -6.23 -30.10
C ALA A 735 10.29 -5.49 -30.15
N ILE A 736 10.61 -4.72 -29.10
CA ILE A 736 11.91 -4.07 -29.02
C ILE A 736 13.00 -5.13 -28.85
N ALA A 737 12.73 -6.19 -28.09
CA ALA A 737 13.67 -7.32 -27.98
C ALA A 737 14.07 -7.90 -29.33
N GLN A 738 13.10 -8.08 -30.22
CA GLN A 738 13.34 -8.66 -31.54
C GLN A 738 13.99 -7.69 -32.48
N GLY A 739 13.79 -6.40 -32.28
CA GLY A 739 14.21 -5.38 -33.26
C GLY A 739 15.49 -4.68 -32.91
N GLY A 740 15.90 -3.76 -33.77
CA GLY A 740 17.14 -2.99 -33.60
C GLY A 740 16.85 -1.55 -33.28
N GLN A 741 17.65 -0.64 -33.83
CA GLN A 741 17.50 0.80 -33.56
C GLN A 741 16.25 1.43 -34.19
N ASP A 742 15.73 0.82 -35.25
CA ASP A 742 14.43 1.24 -35.80
C ASP A 742 13.35 1.19 -34.75
N GLN A 743 13.23 0.05 -34.07
CA GLN A 743 12.18 -0.11 -33.06
C GLN A 743 12.52 0.71 -31.83
N TRP A 744 13.79 0.69 -31.43
CA TRP A 744 14.20 1.35 -30.20
C TRP A 744 13.99 2.87 -30.29
N ASP A 745 14.43 3.45 -31.42
CA ASP A 745 14.34 4.90 -31.67
C ASP A 745 12.91 5.44 -31.73
N PHE A 746 12.04 4.68 -32.37
CA PHE A 746 10.63 5.03 -32.45
C PHE A 746 10.00 5.09 -31.07
N ALA A 747 10.34 4.11 -30.22
CA ALA A 747 9.79 4.05 -28.88
C ALA A 747 10.35 5.16 -28.00
N TRP A 748 11.61 5.49 -28.23
CA TRP A 748 12.26 6.58 -27.52
C TRP A 748 11.55 7.89 -27.90
N GLY A 749 11.38 8.11 -29.21
CA GLY A 749 10.48 9.11 -29.74
C GLY A 749 9.19 9.18 -28.94
N GLN A 750 8.49 8.05 -28.84
CA GLN A 750 7.20 8.01 -28.14
C GLN A 750 7.29 8.26 -26.64
N LEU A 751 8.41 7.92 -26.02
CA LEU A 751 8.61 8.25 -24.61
C LEU A 751 8.62 9.78 -24.45
N GLN A 752 9.38 10.46 -25.31
CA GLN A 752 9.65 11.88 -25.13
C GLN A 752 8.43 12.76 -25.37
N GLN A 753 7.44 12.23 -26.08
CA GLN A 753 6.27 13.02 -26.42
C GLN A 753 4.98 12.49 -25.80
N ALA A 754 5.10 11.51 -24.92
CA ALA A 754 3.97 10.99 -24.18
C ALA A 754 3.63 11.92 -23.02
N GLN A 755 2.35 12.21 -22.85
CA GLN A 755 1.91 13.14 -21.83
C GLN A 755 1.39 12.44 -20.63
N LEU A 756 1.32 11.11 -20.70
CA LEU A 756 0.78 10.36 -19.57
C LEU A 756 1.80 9.48 -18.89
N VAL A 757 1.77 9.46 -17.57
CA VAL A 757 2.76 8.77 -16.74
C VAL A 757 2.71 7.26 -16.98
N ASN A 758 1.58 6.62 -16.72
CA ASN A 758 1.44 5.18 -16.94
C ASN A 758 2.04 4.76 -18.29
N GLU A 759 1.80 5.53 -19.34
CA GLU A 759 2.33 5.21 -20.66
C GLU A 759 3.86 5.47 -20.81
N ALA A 760 4.34 6.58 -20.30
CA ALA A 760 5.77 6.79 -20.24
C ALA A 760 6.49 5.65 -19.50
N ASP A 761 5.93 5.24 -18.37
CA ASP A 761 6.52 4.14 -17.58
C ASP A 761 6.73 2.88 -18.41
N LYS A 762 5.72 2.51 -19.18
CA LYS A 762 5.76 1.30 -20.00
C LYS A 762 6.79 1.38 -21.10
N LEU A 763 6.89 2.55 -21.74
CA LEU A 763 7.89 2.76 -22.79
C LEU A 763 9.29 2.67 -22.19
N ARG A 764 9.47 3.28 -21.02
CA ARG A 764 10.77 3.32 -20.35
C ARG A 764 11.24 1.93 -20.02
N SER A 765 10.29 1.08 -19.62
CA SER A 765 10.61 -0.28 -19.25
C SER A 765 10.82 -1.19 -20.47
N ALA A 766 10.08 -0.94 -21.55
CA ALA A 766 10.22 -1.73 -22.77
C ALA A 766 11.52 -1.42 -23.50
N LEU A 767 11.99 -0.19 -23.36
CA LEU A 767 13.21 0.21 -23.99
C LEU A 767 14.41 -0.53 -23.42
N ALA A 768 14.28 -0.98 -22.18
CA ALA A 768 15.33 -1.78 -21.54
C ALA A 768 15.35 -3.24 -22.05
N CYS A 769 14.39 -3.61 -22.89
CA CYS A 769 14.27 -4.98 -23.36
C CYS A 769 15.09 -5.28 -24.61
N SER A 770 15.82 -4.29 -25.14
CA SER A 770 16.66 -4.51 -26.30
C SER A 770 17.65 -5.64 -26.04
N ASN A 771 18.08 -6.33 -27.09
CA ASN A 771 19.13 -7.35 -26.97
C ASN A 771 20.43 -6.93 -27.61
N GLU A 772 20.57 -5.66 -27.92
CA GLU A 772 21.86 -5.12 -28.34
C GLU A 772 22.56 -4.48 -27.16
N VAL A 773 23.79 -4.92 -26.92
CA VAL A 773 24.61 -4.35 -25.87
C VAL A 773 24.69 -2.84 -26.08
N TRP A 774 25.02 -2.43 -27.31
CA TRP A 774 25.31 -1.04 -27.59
C TRP A 774 24.09 -0.12 -27.35
N LEU A 775 22.89 -0.65 -27.57
CA LEU A 775 21.66 0.09 -27.27
C LEU A 775 21.41 0.18 -25.76
N LEU A 776 21.73 -0.88 -25.02
CA LEU A 776 21.57 -0.84 -23.58
C LEU A 776 22.61 0.08 -22.91
N ASN A 777 23.83 0.08 -23.43
CA ASN A 777 24.83 1.01 -22.93
C ASN A 777 24.51 2.48 -23.24
N ARG A 778 24.13 2.77 -24.48
CA ARG A 778 23.71 4.12 -24.86
C ARG A 778 22.52 4.61 -24.01
N TYR A 779 21.60 3.71 -23.75
CA TYR A 779 20.47 3.99 -22.90
C TYR A 779 20.89 4.28 -21.47
N LEU A 780 21.88 3.52 -20.98
CA LEU A 780 22.40 3.76 -19.64
C LEU A 780 22.93 5.19 -19.54
N GLY A 781 23.68 5.62 -20.53
CA GLY A 781 24.22 6.98 -20.53
C GLY A 781 23.19 8.07 -20.65
N TYR A 782 21.93 7.71 -20.85
CA TYR A 782 20.82 8.66 -20.83
C TYR A 782 20.23 8.83 -19.44
N THR A 783 20.32 7.78 -18.62
CA THR A 783 19.60 7.72 -17.36
C THR A 783 19.98 8.83 -16.39
N LEU A 784 21.20 9.34 -16.53
CA LEU A 784 21.73 10.37 -15.65
C LEU A 784 21.37 11.78 -16.13
N ASN A 785 21.54 12.02 -17.43
CA ASN A 785 21.02 13.19 -18.10
C ASN A 785 19.51 13.43 -17.83
N PRO A 786 19.19 14.50 -17.07
CA PRO A 786 17.81 14.85 -16.68
C PRO A 786 17.00 15.52 -17.78
N ASP A 787 17.71 16.04 -18.79
CA ASP A 787 17.06 16.42 -20.06
C ASP A 787 16.29 15.22 -20.63
N LEU A 788 17.00 14.11 -20.82
CA LEU A 788 16.45 12.88 -21.38
C LEU A 788 15.76 12.00 -20.36
N ILE A 789 16.29 11.87 -19.16
CA ILE A 789 15.62 11.06 -18.16
C ILE A 789 15.47 11.72 -16.78
N ARG A 790 14.23 11.82 -16.32
CA ARG A 790 13.97 12.44 -15.03
C ARG A 790 14.74 11.73 -13.96
N LYS A 791 15.19 12.46 -12.95
CA LYS A 791 15.99 11.84 -11.88
C LYS A 791 15.20 10.85 -11.09
N GLN A 792 14.00 11.22 -10.71
CA GLN A 792 13.09 10.31 -10.02
C GLN A 792 12.83 9.03 -10.83
N ASP A 793 13.40 8.94 -12.02
CA ASP A 793 13.18 7.79 -12.88
C ASP A 793 14.47 7.08 -13.23
N ALA A 794 15.56 7.56 -12.65
CA ALA A 794 16.90 7.24 -13.15
C ALA A 794 17.31 5.87 -12.68
N THR A 795 17.12 5.60 -11.39
CA THR A 795 17.53 4.31 -10.84
C THR A 795 16.55 3.22 -11.27
N SER A 796 15.29 3.59 -11.34
CA SER A 796 14.24 2.71 -11.86
C SER A 796 14.64 2.22 -13.26
N THR A 797 15.11 3.13 -14.08
CA THR A 797 15.45 2.79 -15.44
C THR A 797 16.71 1.89 -15.42
N ILE A 798 17.67 2.20 -14.56
CA ILE A 798 18.88 1.35 -14.47
C ILE A 798 18.56 -0.05 -14.04
N ASN A 799 17.55 -0.20 -13.20
CA ASN A 799 17.09 -1.51 -12.76
C ASN A 799 16.42 -2.33 -13.84
N SER A 800 15.73 -1.65 -14.73
CA SER A 800 15.03 -2.29 -15.82
C SER A 800 16.04 -2.81 -16.82
N ILE A 801 17.19 -2.17 -16.90
CA ILE A 801 18.26 -2.65 -17.74
C ILE A 801 18.93 -3.86 -17.08
N ALA A 802 19.30 -3.71 -15.83
CA ALA A 802 19.79 -4.83 -15.01
C ALA A 802 18.94 -6.08 -15.17
N SER A 803 17.63 -5.88 -15.24
CA SER A 803 16.66 -6.98 -15.35
C SER A 803 16.80 -7.78 -16.60
N ASN A 804 17.22 -7.13 -17.67
CA ASN A 804 17.54 -7.80 -18.91
C ASN A 804 18.84 -8.59 -18.73
N VAL A 805 18.76 -9.89 -19.04
CA VAL A 805 19.88 -10.80 -18.81
C VAL A 805 21.16 -10.28 -19.45
N ILE A 806 21.04 -9.65 -20.60
CA ILE A 806 22.18 -9.05 -21.29
C ILE A 806 22.57 -7.71 -20.67
N GLY A 807 21.59 -7.02 -20.09
CA GLY A 807 21.86 -5.75 -19.45
C GLY A 807 22.39 -5.85 -18.04
N GLN A 808 22.41 -7.04 -17.50
CA GLN A 808 22.86 -7.29 -16.14
C GLN A 808 24.28 -6.81 -15.92
N PRO A 809 25.27 -7.37 -16.67
CA PRO A 809 26.66 -6.95 -16.53
C PRO A 809 26.89 -5.51 -16.96
N LEU A 810 26.05 -5.02 -17.87
CA LEU A 810 26.09 -3.62 -18.28
C LEU A 810 25.71 -2.69 -17.12
N ALA A 811 24.55 -2.94 -16.51
CA ALA A 811 24.08 -2.13 -15.41
C ALA A 811 25.09 -2.20 -14.26
N TRP A 812 25.49 -3.42 -13.94
CA TRP A 812 26.38 -3.66 -12.81
C TRP A 812 27.68 -2.89 -12.97
N ASP A 813 28.32 -3.00 -14.13
CA ASP A 813 29.54 -2.21 -14.41
C ASP A 813 29.27 -0.70 -14.33
N PHE A 814 28.07 -0.28 -14.71
CA PHE A 814 27.75 1.14 -14.82
C PHE A 814 27.58 1.75 -13.45
N VAL A 815 26.86 1.03 -12.59
CA VAL A 815 26.70 1.41 -11.20
C VAL A 815 28.04 1.45 -10.45
N GLN A 816 28.88 0.43 -10.61
CA GLN A 816 30.20 0.45 -10.00
C GLN A 816 30.96 1.73 -10.38
N SER A 817 30.97 2.05 -11.66
CA SER A 817 31.86 3.07 -12.17
C SER A 817 31.38 4.49 -11.88
N ASN A 818 30.07 4.67 -11.82
CA ASN A 818 29.47 5.97 -11.52
C ASN A 818 28.87 5.99 -10.13
N TRP A 819 29.52 5.29 -9.20
CA TRP A 819 29.08 5.26 -7.82
C TRP A 819 29.45 6.57 -7.14
N LYS A 820 30.69 6.98 -7.36
CA LYS A 820 31.08 8.40 -7.33
C LYS A 820 29.97 9.27 -7.95
N LYS A 821 28.93 9.51 -7.15
CA LYS A 821 27.64 10.06 -7.57
C LYS A 821 26.63 9.73 -6.49
N LEU A 822 27.11 9.19 -5.37
CA LEU A 822 26.49 9.50 -4.09
C LEU A 822 26.72 10.97 -3.71
N PHE A 823 27.94 11.47 -3.97
CA PHE A 823 28.24 12.90 -3.76
C PHE A 823 27.88 13.81 -4.97
N GLN A 824 26.73 13.52 -5.58
CA GLN A 824 26.08 14.42 -6.56
C GLN A 824 24.57 14.28 -6.57
N ASP A 825 24.06 13.08 -6.26
CA ASP A 825 22.62 12.86 -6.14
C ASP A 825 22.15 12.23 -4.83
N TYR A 826 23.05 12.16 -3.85
CA TYR A 826 22.62 12.38 -2.47
C TYR A 826 22.44 13.90 -2.27
N GLY A 827 22.93 14.69 -3.25
CA GLY A 827 22.67 16.15 -3.30
C GLY A 827 21.84 16.62 -4.49
N GLY A 828 20.57 16.19 -4.55
CA GLY A 828 19.69 16.51 -5.69
C GLY A 828 18.54 15.53 -5.86
N GLY A 829 17.75 15.32 -4.78
CA GLY A 829 16.84 14.17 -4.67
C GLY A 829 17.42 13.18 -3.65
N SER A 830 16.55 12.34 -3.08
CA SER A 830 16.97 11.24 -2.18
C SER A 830 17.68 10.14 -2.99
N PHE A 831 17.01 9.67 -4.05
CA PHE A 831 17.61 8.84 -5.11
C PHE A 831 17.27 7.34 -4.93
N SER A 832 17.61 6.80 -3.76
CA SER A 832 17.34 5.38 -3.43
C SER A 832 18.38 4.43 -4.01
N PHE A 833 19.63 4.85 -3.91
CA PHE A 833 20.78 3.94 -3.74
C PHE A 833 20.36 2.55 -3.23
N SER A 834 19.46 2.50 -2.26
CA SER A 834 19.04 1.21 -1.72
C SER A 834 18.33 0.34 -2.75
N ASN A 835 17.44 0.95 -3.55
CA ASN A 835 16.67 0.22 -4.53
C ASN A 835 17.53 -0.17 -5.76
N LEU A 836 18.56 0.61 -6.02
CA LEU A 836 19.47 0.35 -7.13
C LEU A 836 20.34 -0.84 -6.84
N ILE A 837 21.00 -0.81 -5.68
CA ILE A 837 21.81 -1.92 -5.19
C ILE A 837 21.01 -3.23 -5.17
N GLN A 838 19.79 -3.18 -4.65
CA GLN A 838 18.95 -4.36 -4.60
C GLN A 838 18.74 -4.91 -6.00
N GLY A 839 18.23 -4.08 -6.89
CA GLY A 839 17.84 -4.51 -8.22
C GLY A 839 18.99 -5.06 -9.03
N VAL A 840 20.11 -4.34 -9.03
CA VAL A 840 21.28 -4.71 -9.81
C VAL A 840 22.06 -5.92 -9.25
N THR A 841 21.81 -6.28 -8.01
CA THR A 841 22.57 -7.38 -7.42
C THR A 841 21.73 -8.56 -7.11
N ARG A 842 20.45 -8.47 -7.39
CA ARG A 842 19.57 -9.55 -7.00
C ARG A 842 19.74 -10.89 -7.69
N ARG A 843 20.42 -10.93 -8.83
CA ARG A 843 20.70 -12.16 -9.50
C ARG A 843 21.94 -12.83 -8.94
N PHE A 844 22.74 -12.11 -8.17
CA PHE A 844 24.02 -12.68 -7.75
C PHE A 844 23.83 -13.98 -7.00
N SER A 845 24.55 -15.02 -7.43
CA SER A 845 24.32 -16.34 -6.90
C SER A 845 25.53 -17.24 -6.99
N SER A 846 26.69 -16.65 -7.24
CA SER A 846 27.92 -17.40 -7.29
C SER A 846 28.94 -16.82 -6.33
N GLU A 847 29.87 -17.68 -5.91
CA GLU A 847 31.02 -17.24 -5.10
C GLU A 847 31.70 -16.11 -5.86
N PHE A 848 32.05 -16.39 -7.12
CA PHE A 848 32.70 -15.36 -7.96
C PHE A 848 31.99 -14.00 -7.90
N GLU A 849 30.65 -13.99 -7.92
CA GLU A 849 29.91 -12.74 -7.83
C GLU A 849 29.94 -12.17 -6.41
N LEU A 850 30.03 -13.02 -5.41
CA LEU A 850 30.18 -12.55 -4.04
C LEU A 850 31.55 -11.93 -3.82
N GLN A 851 32.57 -12.52 -4.42
CA GLN A 851 33.90 -11.90 -4.46
C GLN A 851 33.84 -10.51 -5.09
N GLN A 852 32.94 -10.33 -6.07
CA GLN A 852 32.90 -9.09 -6.83
C GLN A 852 32.20 -8.00 -6.05
N LEU A 853 31.17 -8.36 -5.30
CA LEU A 853 30.47 -7.41 -4.45
C LEU A 853 31.31 -7.04 -3.23
N GLU A 854 32.04 -8.01 -2.66
CA GLU A 854 33.00 -7.71 -1.59
C GLU A 854 34.06 -6.77 -2.10
N GLN A 855 34.56 -7.03 -3.31
CA GLN A 855 35.59 -6.22 -3.93
C GLN A 855 35.08 -4.80 -4.28
N PHE A 856 33.81 -4.71 -4.65
CA PHE A 856 33.16 -3.42 -4.81
C PHE A 856 33.13 -2.65 -3.51
N LYS A 857 32.71 -3.31 -2.42
CA LYS A 857 32.45 -2.63 -1.14
C LYS A 857 33.67 -1.83 -0.66
N LYS A 858 34.85 -2.37 -0.93
CA LYS A 858 36.12 -1.76 -0.53
C LYS A 858 36.50 -0.54 -1.40
N ASN A 859 35.52 0.26 -1.79
CA ASN A 859 35.67 1.71 -1.88
C ASN A 859 35.08 2.38 -0.62
N ASN A 860 35.21 1.71 0.52
CA ASN A 860 34.61 2.21 1.76
C ASN A 860 35.09 3.61 2.05
N MET A 861 36.37 3.83 1.75
CA MET A 861 37.01 5.16 1.83
C MET A 861 36.16 6.18 1.06
N ASP A 862 35.72 7.21 1.80
CA ASP A 862 34.93 8.28 1.25
C ASP A 862 33.73 7.74 0.53
N VAL A 863 33.16 8.55 -0.36
CA VAL A 863 31.96 8.17 -1.12
C VAL A 863 30.88 7.66 -0.16
N GLY A 864 31.12 6.51 0.48
CA GLY A 864 30.09 5.93 1.36
C GLY A 864 28.91 5.38 0.54
N PHE A 865 27.72 5.39 1.12
CA PHE A 865 26.61 4.73 0.46
C PHE A 865 25.25 5.31 0.79
N GLY A 866 25.19 6.28 1.70
CA GLY A 866 23.91 6.88 2.05
C GLY A 866 22.79 5.91 2.43
N SER A 867 21.69 6.02 1.73
CA SER A 867 20.52 5.23 2.04
C SER A 867 20.72 3.71 1.94
N GLY A 868 21.56 3.27 1.01
CA GLY A 868 21.76 1.87 0.85
C GLY A 868 22.97 1.32 1.56
N THR A 869 23.39 1.97 2.64
CA THR A 869 24.54 1.51 3.38
C THR A 869 24.28 0.11 3.95
N ARG A 870 23.09 -0.10 4.47
CA ARG A 870 22.72 -1.40 4.95
C ARG A 870 22.01 -2.19 3.88
N ALA A 871 21.81 -1.59 2.72
CA ALA A 871 21.22 -2.28 1.59
C ALA A 871 22.32 -3.08 0.89
N LEU A 872 23.56 -2.64 1.05
CA LEU A 872 24.69 -3.37 0.55
C LEU A 872 24.81 -4.59 1.44
N GLU A 873 24.80 -4.40 2.75
CA GLU A 873 24.89 -5.57 3.65
C GLU A 873 23.90 -6.63 3.24
N GLN A 874 22.64 -6.21 3.06
CA GLN A 874 21.57 -7.13 2.72
C GLN A 874 21.88 -7.82 1.38
N ALA A 875 22.62 -7.13 0.52
CA ALA A 875 23.06 -7.68 -0.76
C ALA A 875 24.09 -8.77 -0.58
N LEU A 876 25.07 -8.51 0.28
CA LEU A 876 26.14 -9.49 0.53
C LEU A 876 25.61 -10.71 1.25
N GLU A 877 24.57 -10.54 2.08
CA GLU A 877 23.94 -11.65 2.80
C GLU A 877 22.98 -12.42 1.90
N LYS A 878 22.23 -11.69 1.08
CA LYS A 878 21.28 -12.32 0.14
C LYS A 878 22.00 -13.18 -0.91
N THR A 879 23.12 -12.69 -1.40
CA THR A 879 23.99 -13.46 -2.27
C THR A 879 24.47 -14.79 -1.65
N LYS A 880 24.91 -14.74 -0.38
CA LYS A 880 25.24 -15.95 0.38
C LYS A 880 24.08 -16.95 0.37
N ALA A 881 22.86 -16.44 0.62
CA ALA A 881 21.69 -17.30 0.60
C ALA A 881 21.46 -17.92 -0.79
N ASN A 882 21.58 -17.10 -1.83
CA ASN A 882 21.42 -17.56 -3.22
C ASN A 882 22.42 -18.64 -3.65
N ILE A 883 23.69 -18.44 -3.31
CA ILE A 883 24.75 -19.46 -3.52
C ILE A 883 24.38 -20.77 -2.87
N LYS A 884 23.86 -20.69 -1.64
CA LYS A 884 23.48 -21.90 -0.89
C LYS A 884 22.27 -22.52 -1.55
N TRP A 885 21.31 -21.69 -1.94
CA TRP A 885 20.08 -22.19 -2.56
C TRP A 885 20.32 -22.81 -3.93
N VAL A 886 21.26 -22.25 -4.69
CA VAL A 886 21.55 -22.73 -6.06
C VAL A 886 22.31 -24.08 -6.04
N LYS A 887 23.24 -24.24 -5.10
CA LYS A 887 23.98 -25.47 -4.96
C LYS A 887 23.06 -26.62 -4.51
N GLU A 888 22.13 -26.29 -3.60
CA GLU A 888 21.18 -27.27 -3.09
C GLU A 888 20.15 -27.68 -4.15
N ASN A 889 19.92 -26.82 -5.14
CA ASN A 889 18.76 -26.95 -6.00
C ASN A 889 19.03 -27.10 -7.48
N LYS A 890 20.22 -26.68 -7.95
CA LYS A 890 20.53 -26.67 -9.38
C LYS A 890 20.23 -28.02 -10.05
N GLU A 891 20.82 -29.11 -9.55
CA GLU A 891 20.66 -30.41 -10.19
C GLU A 891 19.22 -30.89 -10.24
N VAL A 892 18.59 -30.95 -9.07
CA VAL A 892 17.20 -31.44 -8.96
C VAL A 892 16.27 -30.69 -9.92
N VAL A 893 16.42 -29.38 -9.97
CA VAL A 893 15.54 -28.52 -10.81
C VAL A 893 15.86 -28.71 -12.30
N LEU A 894 17.14 -28.73 -12.66
CA LEU A 894 17.50 -28.97 -14.06
C LEU A 894 16.76 -30.19 -14.61
N ASN A 895 16.79 -31.28 -13.84
CA ASN A 895 16.29 -32.56 -14.34
C ASN A 895 14.79 -32.67 -14.30
N TRP A 896 14.17 -31.97 -13.36
CA TRP A 896 12.69 -31.87 -13.35
C TRP A 896 12.18 -31.19 -14.60
N PHE A 897 12.85 -30.14 -15.03
CA PHE A 897 12.45 -29.39 -16.23
C PHE A 897 12.76 -30.17 -17.50
N ILE A 898 13.96 -30.75 -17.55
CA ILE A 898 14.32 -31.63 -18.67
C ILE A 898 13.23 -32.67 -18.86
N GLU A 899 12.85 -33.30 -17.76
CA GLU A 899 11.87 -34.36 -17.81
C GLU A 899 10.48 -33.89 -18.24
N HIS A 900 10.04 -32.72 -17.74
CA HIS A 900 8.66 -32.32 -17.94
C HIS A 900 8.40 -31.38 -19.10
N SER A 901 9.36 -31.28 -20.04
CA SER A 901 9.17 -30.37 -21.19
C SER A 901 9.18 -31.08 -22.53
N SER A 902 8.41 -32.18 -22.62
CA SER A 902 8.34 -32.99 -23.82
C SER A 902 9.74 -33.16 -24.41
C1 NAG B . -13.95 31.96 15.88
C2 NAG B . -14.09 33.05 16.94
C3 NAG B . -15.57 33.38 17.04
C4 NAG B . -16.11 33.84 15.70
C5 NAG B . -15.88 32.73 14.69
C6 NAG B . -16.32 33.13 13.29
C7 NAG B . -12.85 33.22 19.02
C8 NAG B . -12.51 32.54 20.32
N2 NAG B . -13.64 32.55 18.20
O3 NAG B . -15.83 34.32 18.03
O4 NAG B . -17.52 34.05 15.87
O5 NAG B . -14.51 32.42 14.67
O6 NAG B . -15.56 34.31 12.86
O7 NAG B . -12.42 34.33 18.82
C1 NAG B . -17.98 35.22 15.15
C2 NAG B . -19.47 35.08 14.95
C3 NAG B . -20.20 36.36 14.51
C4 NAG B . -19.54 37.70 14.83
C5 NAG B . -18.02 37.58 14.98
C6 NAG B . -17.44 38.88 15.50
C7 NAG B . -20.44 32.89 14.42
C8 NAG B . -20.85 32.85 15.84
N2 NAG B . -19.78 33.96 14.03
O3 NAG B . -21.49 36.37 15.17
O4 NAG B . -19.82 38.55 13.70
O5 NAG B . -17.70 36.45 15.84
O6 NAG B . -16.49 38.58 16.53
O7 NAG B . -20.74 31.94 13.69
C1 NAG B . -20.67 39.73 13.98
C2 NAG B . -22.17 39.36 14.23
C3 NAG B . -22.88 40.11 15.37
C4 NAG B . -22.23 41.42 15.85
C5 NAG B . -21.06 41.85 14.97
C6 NAG B . -20.36 43.09 15.53
C7 NAG B . -23.74 38.73 12.43
C8 NAG B . -24.30 39.13 11.05
N2 NAG B . -22.85 39.59 12.95
O3 NAG B . -23.01 39.25 16.53
O4 NAG B . -23.23 42.47 15.84
O5 NAG B . -20.15 40.73 14.90
O6 NAG B . -20.31 44.08 14.47
O7 NAG B . -24.06 37.68 13.01
C1 NAG C . 11.74 31.63 10.86
C2 NAG C . 11.86 31.99 9.40
C3 NAG C . 13.24 31.56 8.89
C4 NAG C . 14.33 32.21 9.73
C5 NAG C . 14.09 31.90 11.21
C6 NAG C . 15.05 32.62 12.13
C7 NAG C . 9.71 31.84 8.16
C8 NAG C . 8.97 30.92 7.23
N2 NAG C . 10.87 31.34 8.57
O3 NAG C . 13.36 31.95 7.52
O4 NAG C . 15.58 31.63 9.34
O5 NAG C . 12.77 32.31 11.58
O6 NAG C . 14.86 34.06 11.98
O7 NAG C . 9.24 32.92 8.53
C1 NAG C . 16.51 32.60 8.83
C2 NAG C . 17.83 31.95 9.05
C3 NAG C . 18.99 32.50 8.24
C4 NAG C . 18.56 32.75 6.83
C5 NAG C . 17.30 33.57 6.79
C6 NAG C . 16.85 33.68 5.33
C7 NAG C . 18.19 31.00 11.21
C8 NAG C . 18.57 31.29 12.61
N2 NAG C . 18.15 32.09 10.45
O3 NAG C . 19.92 31.41 8.10
O4 NAG C . 19.62 33.29 6.02
O5 NAG C . 16.30 32.77 7.45
O6 NAG C . 15.43 33.99 5.27
O7 NAG C . 17.93 29.86 10.76
C1 NAG C . 20.58 34.20 6.62
C2 NAG C . 21.94 33.84 6.02
C3 NAG C . 22.59 35.01 5.31
C4 NAG C . 21.60 35.63 4.35
C5 NAG C . 20.39 36.16 5.07
C6 NAG C . 19.19 35.86 4.16
C7 NAG C . 23.25 31.97 7.00
C8 NAG C . 23.96 31.52 8.24
N2 NAG C . 22.80 33.27 7.06
O3 NAG C . 23.65 34.53 4.45
O4 NAG C . 22.21 36.72 3.61
O5 NAG C . 20.25 35.58 6.38
O6 NAG C . 18.29 36.99 4.20
O7 NAG C . 23.08 31.20 5.99
C1 NAG D . -16.43 27.39 15.74
C2 NAG D . -16.26 27.94 17.15
C3 NAG D . -17.36 27.44 18.02
C4 NAG D . -18.70 27.75 17.40
C5 NAG D . -18.77 27.23 15.96
C6 NAG D . -20.17 27.48 15.34
C7 NAG D . -14.25 28.62 18.27
C8 NAG D . -12.89 28.25 18.82
N2 NAG D . -14.97 27.67 17.71
O3 NAG D . -17.28 28.09 19.26
O4 NAG D . -19.70 27.08 18.14
O5 NAG D . -17.69 27.74 15.21
O6 NAG D . -20.14 28.38 14.28
O7 NAG D . -14.64 29.75 18.33
C1 NAG D . -20.42 27.95 18.96
C2 NAG D . -21.79 27.39 19.19
C3 NAG D . -22.61 28.22 20.21
C4 NAG D . -21.77 28.70 21.40
C5 NAG D . -20.36 29.11 20.98
C6 NAG D . -19.50 29.41 22.19
C7 NAG D . -22.84 26.13 17.42
C8 NAG D . -23.61 26.09 16.12
N2 NAG D . -22.54 27.31 17.92
O3 NAG D . -23.61 27.36 20.77
O4 NAG D . -22.43 29.85 21.94
O5 NAG D . -19.78 28.03 20.22
O6 NAG D . -19.19 28.12 22.77
O7 NAG D . -22.47 25.10 17.98
C1 NAG E . -5.00 34.04 -11.54
C2 NAG E . -4.88 33.27 -12.87
C3 NAG E . -3.41 33.07 -13.24
C4 NAG E . -2.60 34.35 -13.13
C5 NAG E . -2.88 35.06 -11.79
C6 NAG E . -2.19 36.44 -11.76
C7 NAG E . -6.76 31.70 -13.08
C8 NAG E . -7.28 30.32 -12.79
N2 NAG E . -5.51 31.99 -12.70
O3 NAG E . -3.32 32.55 -14.57
O4 NAG E . -1.24 33.90 -13.11
O5 NAG E . -4.28 35.29 -11.59
O6 NAG E . -2.80 37.31 -12.74
O7 NAG E . -7.51 32.46 -13.62
C1 NAG E . -0.43 34.39 -14.23
C2 NAG E . 1.06 34.39 -13.80
C3 NAG E . 1.92 34.77 -15.01
C4 NAG E . 1.66 33.74 -16.12
C5 NAG E . 0.20 33.91 -16.51
C6 NAG E . -0.17 33.05 -17.73
C7 NAG E . 1.74 34.69 -11.42
C8 NAG E . 2.06 35.64 -10.32
N2 NAG E . 1.38 35.21 -12.62
O3 NAG E . 3.33 34.78 -14.66
O4 NAG E . 2.56 33.97 -17.26
O5 NAG E . -0.59 33.53 -15.37
O6 NAG E . -1.62 32.94 -17.80
O7 NAG E . 1.75 33.49 -11.15
C1 NAG F . -19.26 5.78 -16.19
C2 NAG F . -18.29 5.24 -17.22
C3 NAG F . -18.89 5.39 -18.60
C4 NAG F . -20.29 4.74 -18.70
C5 NAG F . -21.16 5.35 -17.60
C6 NAG F . -22.57 4.78 -17.59
C7 NAG F . -15.87 5.31 -17.20
C8 NAG F . -14.63 6.11 -17.43
N2 NAG F . -17.04 5.98 -17.34
O3 NAG F . -18.00 4.79 -19.55
O4 NAG F . -20.81 5.16 -19.93
O5 NAG F . -20.52 5.10 -16.34
O6 NAG F . -22.61 3.52 -16.91
O7 NAG F . -15.77 4.11 -16.88
C1 NAG F . -20.73 4.18 -20.97
C2 NAG F . -21.81 4.58 -22.00
C3 NAG F . -21.66 3.85 -23.36
C4 NAG F . -20.26 3.31 -23.70
C5 NAG F . -19.33 3.09 -22.50
C6 NAG F . -17.85 2.93 -22.90
C7 NAG F . -23.87 5.27 -20.87
C8 NAG F . -25.12 4.85 -20.17
N2 NAG F . -23.08 4.29 -21.34
O3 NAG F . -22.07 4.75 -24.42
O4 NAG F . -20.47 2.01 -24.23
O5 NAG F . -19.45 4.21 -21.60
O6 NAG F . -17.49 3.80 -24.00
O7 NAG F . -23.62 6.44 -21.02
C1 NAG F . -20.06 1.76 -25.62
C2 NAG F . -21.26 1.12 -26.31
C3 NAG F . -20.74 0.45 -27.57
C4 NAG F . -20.08 1.52 -28.44
C5 NAG F . -19.05 2.40 -27.68
C6 NAG F . -18.60 3.68 -28.44
C7 NAG F . -23.14 0.54 -24.86
C8 NAG F . -23.67 -0.48 -23.87
N2 NAG F . -21.92 0.23 -25.37
O3 NAG F . -21.87 -0.12 -28.28
O4 NAG F . -19.40 0.82 -29.49
O5 NAG F . -19.53 2.84 -26.42
O6 NAG F . -19.15 3.82 -29.77
O7 NAG F . -23.79 1.58 -25.21
C1 NAG G . -29.22 0.03 10.78
C2 NAG G . -30.19 0.82 9.90
C3 NAG G . -31.61 0.69 10.50
C4 NAG G . -31.95 -0.79 10.75
C5 NAG G . -30.92 -1.30 11.77
C6 NAG G . -31.22 -2.64 12.46
C7 NAG G . -29.00 2.81 9.03
C8 NAG G . -28.75 4.29 9.29
N2 NAG G . -29.80 2.22 9.93
O3 NAG G . -32.56 1.31 9.63
O4 NAG G . -33.28 -0.88 11.23
O5 NAG G . -29.67 -1.35 11.02
O6 NAG G . -31.12 -3.77 11.55
O7 NAG G . -28.52 2.21 8.07
C1 NAG G . -34.04 -1.86 10.47
C2 NAG G . -35.28 -2.30 11.28
C3 NAG G . -36.03 -3.41 10.52
C4 NAG G . -36.42 -2.84 9.17
C5 NAG G . -35.14 -2.38 8.43
C6 NAG G . -35.40 -1.74 7.05
C7 NAG G . -34.97 -1.91 13.64
C8 NAG G . -34.52 -2.37 14.99
N2 NAG G . -34.89 -2.75 12.62
O3 NAG G . -37.18 -3.73 11.29
O4 NAG G . -37.12 -3.84 8.40
O5 NAG G . -34.50 -1.36 9.22
O6 NAG G . -36.83 -1.65 6.85
O7 NAG G . -35.35 -0.77 13.46
C1 NAG H . -11.41 8.80 24.18
C2 NAG H . -11.84 10.11 24.82
C3 NAG H . -12.70 9.93 26.07
C4 NAG H . -13.85 8.94 25.87
C5 NAG H . -13.26 7.64 25.32
C6 NAG H . -14.30 6.59 25.04
C7 NAG H . -10.46 12.09 24.78
C8 NAG H . -9.15 12.74 25.16
N2 NAG H . -10.63 10.82 25.14
O3 NAG H . -13.25 11.16 26.48
O4 NAG H . -14.48 8.74 27.13
O5 NAG H . -12.58 7.94 24.10
O6 NAG H . -13.73 5.52 24.27
O7 NAG H . -11.34 12.66 24.19
C1 NAG H . -15.92 8.88 27.11
C2 NAG H . -16.59 8.20 28.31
C3 NAG H . -18.10 8.34 28.30
C4 NAG H . -18.52 9.79 28.04
C5 NAG H . -17.69 10.50 26.99
C6 NAG H . -17.88 12.01 27.05
C7 NAG H . -15.09 6.46 29.06
C8 NAG H . -14.38 7.53 29.87
N2 NAG H . -16.16 6.80 28.35
O3 NAG H . -18.63 7.98 29.59
O4 NAG H . -19.90 9.82 27.57
O5 NAG H . -16.29 10.25 27.19
O6 NAG H . -16.99 12.59 28.05
O7 NAG H . -14.65 5.32 29.11
C1 NAG I . -1.10 -39.69 15.36
C2 NAG I . 0.30 -40.22 15.14
C3 NAG I . 0.48 -41.39 16.09
C4 NAG I . 0.18 -40.99 17.56
C5 NAG I . -1.07 -40.12 17.76
C6 NAG I . -0.87 -39.29 19.04
C7 NAG I . 1.21 -39.95 12.83
C8 NAG I . 1.95 -38.69 13.26
N2 NAG I . 0.47 -40.62 13.76
O3 NAG I . 1.84 -41.82 15.96
O4 NAG I . -0.04 -42.21 18.31
O5 NAG I . -1.29 -39.21 16.70
O6 NAG I . -2.14 -38.96 19.63
O7 NAG I . 1.31 -40.36 11.68
C1 NAG I . 0.78 -42.26 19.51
C2 NAG I . 0.34 -43.51 20.31
C3 NAG I . 1.30 -43.85 21.45
C4 NAG I . 2.72 -43.90 20.87
C5 NAG I . 3.05 -42.50 20.35
C6 NAG I . 4.50 -42.40 19.92
C7 NAG I . -2.10 -43.92 20.34
C8 NAG I . -1.91 -44.94 19.25
N2 NAG I . -1.01 -43.29 20.80
O3 NAG I . 1.03 -45.14 22.00
O4 NAG I . 3.62 -44.38 21.89
O5 NAG I . 2.19 -42.26 19.19
O6 NAG I . 5.29 -43.42 20.58
O7 NAG I . -3.21 -43.62 20.82
C1 NAG J . -14.68 -19.36 -2.46
C2 NAG J . -16.10 -19.44 -1.97
C3 NAG J . -17.08 -19.36 -3.14
C4 NAG J . -16.79 -18.16 -4.01
C5 NAG J . -15.35 -18.24 -4.46
C6 NAG J . -14.98 -17.08 -5.38
C7 NAG J . -16.57 -20.77 0.06
C8 NAG J . -16.83 -22.13 0.60
N2 NAG J . -16.33 -20.70 -1.25
O3 NAG J . -18.41 -19.29 -2.63
O4 NAG J . -17.66 -18.20 -5.15
O5 NAG J . -14.52 -18.21 -3.30
O6 NAG J . -13.67 -17.24 -5.91
O7 NAG J . -16.56 -19.82 0.86
C1 NAG J . -18.49 -16.99 -5.22
C2 NAG J . -19.02 -16.81 -6.63
C3 NAG J . -19.95 -15.58 -6.69
C4 NAG J . -21.15 -15.88 -5.78
C5 NAG J . -20.61 -16.04 -4.36
C6 NAG J . -21.74 -16.43 -3.40
C7 NAG J . -17.49 -17.70 -8.32
C8 NAG J . -16.41 -17.31 -9.31
N2 NAG J . -17.96 -16.66 -7.60
O3 NAG J . -20.36 -15.27 -8.03
O4 NAG J . -22.11 -14.79 -5.86
O5 NAG J . -19.59 -17.07 -4.28
O6 NAG J . -21.61 -17.81 -2.98
O7 NAG J . -17.88 -18.88 -8.17
C1 NAG K . 20.89 -20.60 15.24
C2 NAG K . 22.11 -20.04 14.51
C3 NAG K . 22.93 -21.27 14.06
C4 NAG K . 23.24 -22.14 15.30
C5 NAG K . 21.98 -22.47 16.13
C6 NAG K . 22.29 -23.26 17.41
C7 NAG K . 21.20 -19.28 12.23
C8 NAG K . 20.76 -18.01 11.52
N2 NAG K . 21.69 -19.08 13.50
O3 NAG K . 24.17 -20.79 13.48
O4 NAG K . 23.83 -23.40 14.84
O5 NAG K . 21.35 -21.22 16.49
O6 NAG K . 21.25 -23.11 18.42
O7 NAG K . 21.08 -20.43 11.73
C1 NAG L . -16.14 -31.45 -13.61
C2 NAG L . -17.29 -32.13 -14.39
C3 NAG L . -18.52 -31.21 -14.49
C4 NAG L . -18.94 -30.76 -13.10
C5 NAG L . -17.75 -30.14 -12.39
C6 NAG L . -18.11 -29.73 -10.96
C7 NAG L . -16.13 -33.58 -15.96
C8 NAG L . -15.74 -33.80 -17.40
N2 NAG L . -16.85 -32.49 -15.74
O3 NAG L . -19.59 -31.92 -15.12
O4 NAG L . -20.01 -29.78 -13.19
O5 NAG L . -16.71 -31.14 -12.33
O6 NAG L . -18.15 -30.92 -10.12
O7 NAG L . -15.79 -34.35 -15.04
N LEU M . -3.50 6.70 5.54
CA LEU M . -2.72 6.79 4.29
C LEU M . -2.78 5.47 3.46
O LEU M . -3.00 5.50 2.20
CB LEU M . -1.26 7.03 4.57
CG LEU M . -0.70 8.45 4.49
CD1 LEU M . 0.83 8.30 4.77
CD2 LEU M . -1.03 9.05 3.15
OXT LEU M . -2.59 4.42 4.06
S SO4 N . -4.82 6.15 14.95
O1 SO4 N . -3.62 6.45 15.85
O2 SO4 N . -4.73 6.86 13.58
O3 SO4 N . -6.05 6.73 15.66
O4 SO4 N . -4.76 4.59 14.59
S SO4 O . -12.33 31.11 11.72
O1 SO4 O . -12.38 32.56 11.19
O2 SO4 O . -10.88 31.02 12.34
O3 SO4 O . -13.55 31.02 12.70
O4 SO4 O . -12.54 29.98 10.62
S SO4 P . -1.35 4.54 -3.96
O1 SO4 P . -1.63 5.75 -4.83
O2 SO4 P . 0.24 4.27 -4.01
O3 SO4 P . -1.89 4.85 -2.52
O4 SO4 P . -2.16 3.29 -4.56
S SO4 Q . -3.59 35.71 8.95
O1 SO4 Q . -4.33 35.82 7.61
O2 SO4 Q . -2.09 35.82 8.56
O3 SO4 Q . -3.77 34.41 9.75
O4 SO4 Q . -4.25 36.75 9.88
S SO4 R . 14.78 -21.18 -26.80
O1 SO4 R . 16.02 -20.55 -26.20
O2 SO4 R . 15.12 -21.90 -28.07
O3 SO4 R . 13.62 -20.22 -27.16
O4 SO4 R . 14.18 -22.24 -25.83
S SO4 S . -14.26 -12.17 1.91
O1 SO4 S . -14.69 -10.80 2.48
O2 SO4 S . -13.19 -12.13 0.80
O3 SO4 S . -13.78 -12.93 3.16
O4 SO4 S . -15.50 -12.90 1.30
S SO4 T . -2.08 42.12 4.07
O1 SO4 T . -1.95 43.69 4.21
O2 SO4 T . -2.16 41.85 2.49
O3 SO4 T . -0.78 41.47 4.70
O4 SO4 T . -3.37 41.69 4.89
S SO4 U . 2.61 -0.75 3.09
O1 SO4 U . 2.12 0.36 2.08
O2 SO4 U . 4.13 -0.79 3.24
O3 SO4 U . 1.93 -0.40 4.44
O4 SO4 U . 2.10 -2.21 2.66
S SO4 V . -18.05 29.43 11.89
O1 SO4 V . -18.19 30.95 11.35
O2 SO4 V . -16.74 28.74 11.37
O3 SO4 V . -17.94 29.61 13.40
O4 SO4 V . -19.27 28.46 11.55
S SO4 W . 3.37 15.26 36.11
O1 SO4 W . 4.90 14.96 36.29
O2 SO4 W . 3.15 16.05 34.80
O3 SO4 W . 2.88 16.04 37.36
O4 SO4 W . 2.57 13.87 36.13
S SO4 X . 1.07 10.86 -10.49
O1 SO4 X . 2.37 10.10 -10.74
O2 SO4 X . 0.59 11.49 -11.78
O3 SO4 X . 1.32 11.97 -9.44
O4 SO4 X . 0.06 9.85 -9.95
ZN ZN Y . -5.83 3.64 5.00
#